data_5BRT
#
_entry.id   5BRT
#
_cell.length_a   153.470
_cell.length_b   130.680
_cell.length_c   78.660
_cell.angle_alpha   90.000
_cell.angle_beta   98.610
_cell.angle_gamma   90.000
#
_symmetry.space_group_name_H-M   'C 1 2 1'
#
loop_
_entity.id
_entity.type
_entity.pdbx_description
1 polymer 2-hydroxybiphenyl-3-monooxygenase
2 non-polymer 'FLAVIN-ADENINE DINUCLEOTIDE'
3 non-polymer 2-HYDROXYBIPHENYL
4 water water
#
_entity_poly.entity_id   1
_entity_poly.type   'polypeptide(L)'
_entity_poly.pdbx_seq_one_letter_code
;MSNSAETDVLIVGAGPAGAMSATLLASLGIRSLMINRWRSTSPGPRSHIINQRTMEILRDIGLEESAKSLAVPKEYMGEH
VYATSLAGEEFGRIPAWASHPQAHAEHELASPSRYCDLPQLYFEPMVVSEAALRGADVRFLTEYLGHVEDQDGVTARLLD
HVSGAEYEVRAKYIIGADGAHSLVAQNAGLPFEGQMGIGDSGSINIEFSADLSSLCEHRKGDMYWMFRAGSGINGVGVAA
LRMIRPWNKWICVWGYEKSKGTPEITKEEAKKIIHEIIGTDEIPVEVGPISTWTINQQYAVRNTSGRVFCMGDAVHRHTP
MGGLGLNTSVQDAYNLAWKLALVLKGTAAPTLLDSYDAERSPVAKQIVERAFKSLSTFPPVFEALSLPPAPTESEMAEAL
VRLKDASEEGAKRRAALRKAMDATIIGLGGGHGVELNQRYVSRAVFPDGTPDPGFVRDQEFFYQASTRPGAHLPHVWLTE
NQRRISTLDLCGKGRFTLLTGLSGAAWKHEAEQVSQSLGIELKVCVIGPGQEFVDTYGEYAKISEIGESGALLVRPDMFI
AFRAKDASREGLEQLNVAVKSILGRA
;
_entity_poly.pdbx_strand_id   A,B
#
# COMPACT_ATOMS: atom_id res chain seq x y z
N ALA A 5 -25.35 -28.89 4.73
CA ALA A 5 -24.47 -28.50 5.83
C ALA A 5 -24.62 -27.03 6.20
N GLU A 6 -24.03 -26.67 7.32
CA GLU A 6 -24.07 -25.30 7.83
C GLU A 6 -22.95 -25.08 8.84
N THR A 7 -22.30 -23.93 8.77
CA THR A 7 -21.29 -23.60 9.75
C THR A 7 -21.11 -22.09 9.75
N ASP A 8 -20.37 -21.56 10.73
CA ASP A 8 -20.10 -20.12 10.74
C ASP A 8 -18.99 -19.78 9.77
N VAL A 9 -17.89 -20.51 9.89
CA VAL A 9 -16.75 -20.26 9.02
C VAL A 9 -16.34 -21.52 8.29
N LEU A 10 -16.33 -21.45 6.96
CA LEU A 10 -15.73 -22.51 6.17
C LEU A 10 -14.27 -22.18 5.91
N ILE A 11 -13.38 -23.05 6.35
CA ILE A 11 -11.96 -22.83 6.18
C ILE A 11 -11.49 -23.76 5.08
N VAL A 12 -11.06 -23.19 3.97
CA VAL A 12 -10.62 -24.02 2.85
C VAL A 12 -9.13 -24.25 2.90
N GLY A 13 -8.74 -25.47 3.30
CA GLY A 13 -7.34 -25.78 3.48
C GLY A 13 -6.99 -26.13 4.92
N ALA A 14 -6.15 -27.15 5.07
CA ALA A 14 -5.78 -27.65 6.38
C ALA A 14 -4.27 -27.55 6.61
N GLY A 15 -3.62 -26.62 5.90
CA GLY A 15 -2.20 -26.37 6.12
C GLY A 15 -2.03 -25.60 7.40
N PRO A 16 -0.83 -25.07 7.67
CA PRO A 16 -0.63 -24.27 8.87
C PRO A 16 -1.64 -23.13 9.07
N ALA A 17 -1.97 -22.40 8.00
CA ALA A 17 -2.89 -21.28 8.18
C ALA A 17 -4.33 -21.74 8.48
N GLY A 18 -4.82 -22.70 7.71
CA GLY A 18 -6.16 -23.22 7.95
C GLY A 18 -6.28 -23.90 9.31
N ALA A 19 -5.32 -24.75 9.64
CA ALA A 19 -5.39 -25.50 10.88
C ALA A 19 -5.35 -24.57 12.08
N MET A 20 -4.54 -23.52 12.00
CA MET A 20 -4.43 -22.58 13.10
C MET A 20 -5.72 -21.78 13.25
N SER A 21 -6.28 -21.36 12.12
CA SER A 21 -7.56 -20.68 12.10
C SER A 21 -8.63 -21.54 12.76
N ALA A 22 -8.67 -22.83 12.38
CA ALA A 22 -9.68 -23.73 12.94
C ALA A 22 -9.52 -23.87 14.45
N THR A 23 -8.28 -24.11 14.87
CA THR A 23 -7.95 -24.22 16.28
C THR A 23 -8.36 -22.97 17.10
N LEU A 24 -7.97 -21.79 16.61
CA LEU A 24 -8.32 -20.54 17.29
C LEU A 24 -9.83 -20.30 17.34
N LEU A 25 -10.51 -20.48 16.21
CA LEU A 25 -11.95 -20.27 16.18
C LEU A 25 -12.69 -21.23 17.10
N ALA A 26 -12.33 -22.50 17.04
CA ALA A 26 -12.96 -23.52 17.87
C ALA A 26 -12.78 -23.21 19.35
N SER A 27 -11.66 -22.55 19.68
CA SER A 27 -11.37 -22.19 21.07
C SER A 27 -12.26 -21.05 21.53
N LEU A 28 -12.48 -20.08 20.66
CA LEU A 28 -13.31 -18.92 20.99
C LEU A 28 -14.78 -19.29 20.98
N GLY A 29 -15.07 -20.55 20.65
CA GLY A 29 -16.45 -21.04 20.61
C GLY A 29 -17.16 -20.79 19.29
N ILE A 30 -16.40 -20.70 18.20
CA ILE A 30 -17.01 -20.45 16.90
C ILE A 30 -17.06 -21.73 16.06
N ARG A 31 -18.23 -22.03 15.50
CA ARG A 31 -18.37 -23.24 14.71
C ARG A 31 -17.65 -23.11 13.37
N SER A 32 -16.75 -24.05 13.09
CA SER A 32 -16.03 -24.01 11.83
C SER A 32 -15.98 -25.37 11.16
N LEU A 33 -15.95 -25.36 9.84
CA LEU A 33 -15.69 -26.56 9.08
C LEU A 33 -14.39 -26.37 8.30
N MET A 34 -13.35 -27.11 8.66
CA MET A 34 -12.11 -27.04 7.91
C MET A 34 -11.99 -28.20 6.96
N ILE A 35 -11.76 -27.90 5.69
CA ILE A 35 -11.62 -28.96 4.70
C ILE A 35 -10.26 -29.01 4.06
N ASN A 36 -9.96 -30.19 3.52
CA ASN A 36 -8.72 -30.46 2.83
C ASN A 36 -9.01 -31.45 1.73
N ARG A 37 -8.43 -31.15 0.57
CA ARG A 37 -8.65 -31.91 -0.64
C ARG A 37 -8.02 -33.30 -0.53
N TRP A 38 -6.87 -33.36 0.14
CA TRP A 38 -6.09 -34.59 0.19
C TRP A 38 -6.39 -35.47 1.40
N ARG A 39 -5.76 -36.65 1.41
CA ARG A 39 -5.99 -37.70 2.39
C ARG A 39 -5.39 -37.39 3.76
N SER A 40 -4.26 -36.69 3.75
CA SER A 40 -3.48 -36.54 4.97
C SER A 40 -2.93 -35.12 5.10
N THR A 41 -2.26 -34.90 6.22
CA THR A 41 -1.40 -33.74 6.30
C THR A 41 -0.22 -33.91 5.35
N SER A 42 0.55 -32.85 5.19
CA SER A 42 1.63 -32.83 4.21
C SER A 42 2.64 -33.93 4.43
N PRO A 43 2.93 -34.70 3.38
CA PRO A 43 3.81 -35.86 3.52
C PRO A 43 5.27 -35.42 3.55
N GLY A 44 5.54 -34.20 3.13
CA GLY A 44 6.90 -33.67 3.14
C GLY A 44 7.18 -32.82 4.35
N PRO A 45 8.44 -32.81 4.80
CA PRO A 45 8.85 -31.91 5.88
C PRO A 45 8.61 -30.45 5.52
N ARG A 46 8.84 -30.08 4.26
CA ARG A 46 8.59 -28.71 3.77
C ARG A 46 9.19 -27.66 4.69
N SER A 47 8.41 -26.64 5.04
CA SER A 47 8.94 -25.60 5.93
C SER A 47 9.29 -26.24 7.28
N HIS A 48 10.35 -25.73 7.92
CA HIS A 48 10.81 -26.36 9.16
C HIS A 48 11.24 -25.37 10.24
N ILE A 49 11.56 -24.15 9.84
CA ILE A 49 11.99 -23.15 10.81
C ILE A 49 10.79 -22.52 11.51
N ILE A 50 10.71 -22.71 12.82
CA ILE A 50 9.62 -22.10 13.56
C ILE A 50 10.15 -20.90 14.30
N ASN A 51 9.66 -19.71 13.98
CA ASN A 51 10.20 -18.52 14.65
C ASN A 51 9.46 -18.20 15.95
N GLN A 52 9.90 -17.16 16.63
CA GLN A 52 9.43 -16.87 17.98
C GLN A 52 7.96 -16.48 18.03
N ARG A 53 7.47 -15.86 16.97
CA ARG A 53 6.07 -15.49 16.88
C ARG A 53 5.18 -16.71 16.84
N THR A 54 5.53 -17.69 16.01
CA THR A 54 4.71 -18.88 15.91
C THR A 54 4.77 -19.61 17.26
N MET A 55 5.94 -19.65 17.88
CA MET A 55 6.07 -20.35 19.17
C MET A 55 5.27 -19.62 20.26
N GLU A 56 5.23 -18.29 20.18
CA GLU A 56 4.39 -17.52 21.09
C GLU A 56 2.93 -17.90 20.92
N ILE A 57 2.52 -18.09 19.68
CA ILE A 57 1.13 -18.43 19.41
C ILE A 57 0.88 -19.83 19.94
N LEU A 58 1.82 -20.74 19.70
CA LEU A 58 1.67 -22.09 20.26
C LEU A 58 1.62 -22.02 21.78
N ARG A 59 2.44 -21.15 22.36
CA ARG A 59 2.47 -20.96 23.82
C ARG A 59 1.09 -20.54 24.30
N ASP A 60 0.51 -19.56 23.59
CA ASP A 60 -0.80 -19.03 23.95
C ASP A 60 -1.87 -20.12 23.98
N ILE A 61 -1.86 -20.99 22.98
CA ILE A 61 -2.90 -22.01 22.87
C ILE A 61 -2.52 -23.34 23.53
N GLY A 62 -1.33 -23.37 24.15
CA GLY A 62 -1.00 -24.47 25.04
C GLY A 62 -0.24 -25.59 24.37
N LEU A 63 0.28 -25.30 23.19
CA LEU A 63 0.94 -26.31 22.36
C LEU A 63 2.47 -26.17 22.30
N GLU A 64 3.02 -25.16 22.94
CA GLU A 64 4.47 -24.92 22.84
C GLU A 64 5.30 -26.09 23.43
N GLU A 65 4.90 -26.61 24.57
CA GLU A 65 5.64 -27.71 25.19
C GLU A 65 5.70 -28.96 24.33
N SER A 66 4.57 -29.32 23.71
CA SER A 66 4.55 -30.43 22.78
C SER A 66 5.42 -30.13 21.58
N ALA A 67 5.30 -28.92 21.05
CA ALA A 67 6.09 -28.52 19.91
C ALA A 67 7.57 -28.65 20.23
N LYS A 68 7.99 -28.12 21.38
CA LYS A 68 9.38 -28.21 21.82
C LYS A 68 9.84 -29.66 21.98
N SER A 69 8.93 -30.53 22.43
CA SER A 69 9.26 -31.94 22.57
C SER A 69 9.65 -32.59 21.24
N LEU A 70 8.98 -32.18 20.18
CA LEU A 70 9.18 -32.76 18.85
C LEU A 70 10.25 -32.04 18.05
N ALA A 71 10.44 -30.76 18.35
CA ALA A 71 11.33 -29.91 17.57
C ALA A 71 12.79 -30.08 17.98
N VAL A 72 13.69 -29.82 17.04
CA VAL A 72 15.13 -29.76 17.34
C VAL A 72 15.41 -28.36 17.87
N PRO A 73 16.06 -28.25 19.05
CA PRO A 73 16.25 -26.93 19.65
C PRO A 73 17.25 -26.04 18.91
N LYS A 74 17.20 -24.74 19.20
CA LYS A 74 18.07 -23.74 18.59
C LYS A 74 19.56 -24.08 18.61
N GLU A 75 19.99 -24.41 19.61
CA GLU A 75 21.41 -24.82 19.66
C GLU A 75 21.69 -26.15 18.92
N TYR A 76 21.10 -26.68 18.19
CA TYR A 76 21.54 -27.66 17.20
C TYR A 76 21.23 -27.19 15.78
N MET A 77 20.98 -25.89 15.64
CA MET A 77 20.62 -25.29 14.36
C MET A 77 21.68 -24.31 13.85
N GLY A 78 22.60 -23.94 14.72
CA GLY A 78 23.48 -22.81 14.46
C GLY A 78 24.68 -23.01 13.56
N GLU A 79 25.24 -24.21 13.56
CA GLU A 79 26.44 -24.48 12.79
C GLU A 79 26.42 -24.55 11.28
N HIS A 80 26.00 -23.49 10.60
CA HIS A 80 25.95 -23.50 9.13
C HIS A 80 27.20 -23.62 8.30
N VAL A 81 27.31 -24.69 7.53
CA VAL A 81 28.53 -25.01 6.80
C VAL A 81 28.42 -24.81 5.29
N TYR A 82 29.36 -24.06 4.73
CA TYR A 82 29.52 -23.96 3.29
C TYR A 82 30.71 -24.82 2.90
N ALA A 83 30.50 -25.75 1.97
CA ALA A 83 31.54 -26.71 1.61
C ALA A 83 31.37 -27.23 0.19
N THR A 84 32.32 -28.05 -0.25
CA THR A 84 32.19 -28.75 -1.53
C THR A 84 31.26 -29.95 -1.39
N SER A 85 31.36 -30.61 -0.24
CA SER A 85 30.54 -31.77 0.10
C SER A 85 30.75 -31.95 1.59
N LEU A 86 29.94 -32.79 2.24
CA LEU A 86 30.03 -32.82 3.70
C LEU A 86 31.28 -33.49 4.22
N ALA A 87 31.83 -34.41 3.44
CA ALA A 87 33.01 -35.16 3.86
C ALA A 87 34.24 -34.47 3.34
N GLY A 88 34.01 -33.40 2.58
CA GLY A 88 35.08 -32.64 1.99
C GLY A 88 35.49 -31.46 2.85
N GLU A 89 36.26 -30.56 2.25
CA GLU A 89 36.77 -29.42 2.98
C GLU A 89 35.83 -28.26 2.84
N GLU A 90 35.75 -27.43 3.88
CA GLU A 90 34.75 -26.36 3.91
C GLU A 90 35.28 -24.94 3.71
N PHE A 91 34.63 -24.21 2.84
CA PHE A 91 34.85 -22.79 2.67
C PHE A 91 34.79 -22.08 4.00
N GLY A 92 33.86 -22.46 4.87
CA GLY A 92 33.72 -21.71 6.10
C GLY A 92 32.34 -21.81 6.63
N ARG A 93 32.08 -21.22 7.79
CA ARG A 93 30.80 -21.37 8.47
C ARG A 93 30.22 -20.03 8.89
N ILE A 94 28.91 -19.98 9.07
CA ILE A 94 28.27 -18.73 9.54
C ILE A 94 27.36 -19.10 10.69
N PRO A 95 27.13 -18.17 11.62
CA PRO A 95 26.30 -18.47 12.80
C PRO A 95 24.83 -18.29 12.45
N ALA A 96 24.25 -19.35 11.89
CA ALA A 96 22.85 -19.34 11.48
C ALA A 96 21.90 -19.34 12.69
N TRP A 97 20.65 -18.98 12.43
CA TRP A 97 19.57 -18.98 13.42
C TRP A 97 19.95 -18.36 14.75
N ALA A 98 20.56 -17.18 14.67
CA ALA A 98 20.89 -16.38 15.83
C ALA A 98 21.80 -17.11 16.82
N SER A 99 22.74 -17.89 16.28
CA SER A 99 23.64 -18.66 17.15
C SER A 99 24.87 -17.87 17.62
N HIS A 100 25.14 -16.71 17.03
CA HIS A 100 26.20 -15.84 17.55
C HIS A 100 25.72 -15.36 18.92
N PRO A 101 26.60 -15.36 19.93
CA PRO A 101 26.19 -14.94 21.27
C PRO A 101 25.48 -13.58 21.31
N GLN A 102 25.87 -12.64 20.45
CA GLN A 102 25.16 -11.36 20.42
C GLN A 102 23.76 -11.53 19.85
N ALA A 103 23.67 -12.21 18.72
CA ALA A 103 22.38 -12.51 18.11
C ALA A 103 21.51 -13.31 19.07
N HIS A 104 22.13 -14.21 19.82
CA HIS A 104 21.37 -15.03 20.76
C HIS A 104 20.76 -14.18 21.88
N ALA A 105 21.53 -13.21 22.37
CA ALA A 105 21.03 -12.29 23.39
C ALA A 105 19.82 -11.54 22.85
N GLU A 106 19.96 -11.03 21.64
CA GLU A 106 18.91 -10.24 21.03
C GLU A 106 17.66 -11.11 20.86
N HIS A 107 17.88 -12.38 20.54
CA HIS A 107 16.82 -13.38 20.37
C HIS A 107 16.08 -13.59 21.68
N GLU A 108 16.85 -13.96 22.71
CA GLU A 108 16.34 -14.20 24.04
C GLU A 108 15.55 -13.02 24.62
N LEU A 109 16.07 -11.82 24.44
CA LEU A 109 15.43 -10.62 24.98
C LEU A 109 14.09 -10.32 24.32
N ALA A 110 13.91 -10.77 23.08
CA ALA A 110 12.74 -10.37 22.29
C ALA A 110 11.49 -11.17 22.65
N SER A 111 11.66 -12.36 23.21
CA SER A 111 10.51 -13.26 23.34
C SER A 111 10.79 -14.27 24.44
N PRO A 112 9.73 -14.81 25.05
CA PRO A 112 9.96 -15.95 25.95
C PRO A 112 10.25 -17.21 25.13
N SER A 113 9.93 -17.17 23.84
CA SER A 113 10.09 -18.32 22.97
C SER A 113 11.40 -18.29 22.18
N ARG A 114 11.69 -19.38 21.50
CA ARG A 114 12.94 -19.54 20.78
C ARG A 114 12.73 -20.28 19.46
N TYR A 115 13.60 -19.99 18.49
CA TYR A 115 13.69 -20.76 17.26
C TYR A 115 13.76 -22.23 17.60
N CYS A 116 13.15 -23.04 16.76
CA CYS A 116 13.39 -24.47 16.80
C CYS A 116 13.13 -25.00 15.41
N ASP A 117 13.51 -26.25 15.19
CA ASP A 117 13.29 -26.83 13.90
C ASP A 117 12.22 -27.91 14.00
N LEU A 118 11.05 -27.62 13.48
CA LEU A 118 9.93 -28.55 13.51
C LEU A 118 9.28 -28.65 12.14
N PRO A 119 9.67 -29.66 11.35
CA PRO A 119 9.13 -29.83 10.01
C PRO A 119 7.63 -29.86 10.02
N GLN A 120 7.03 -29.32 8.95
CA GLN A 120 5.59 -29.36 8.75
C GLN A 120 5.03 -30.76 8.90
N LEU A 121 5.79 -31.76 8.46
CA LEU A 121 5.36 -33.15 8.55
C LEU A 121 4.77 -33.42 9.93
N TYR A 122 5.37 -32.79 10.94
CA TYR A 122 4.96 -32.94 12.33
C TYR A 122 4.07 -31.80 12.85
N PHE A 123 4.37 -30.56 12.46
CA PHE A 123 3.60 -29.40 12.90
C PHE A 123 2.12 -29.55 12.54
N GLU A 124 1.85 -30.01 11.32
CA GLU A 124 0.48 -30.03 10.82
C GLU A 124 -0.48 -30.95 11.59
N PRO A 125 -0.11 -32.23 11.80
CA PRO A 125 -1.08 -33.04 12.56
C PRO A 125 -1.24 -32.55 13.99
N MET A 126 -0.20 -31.93 14.54
CA MET A 126 -0.32 -31.41 15.89
C MET A 126 -1.39 -30.30 15.95
N VAL A 127 -1.47 -29.46 14.93
CA VAL A 127 -2.49 -28.42 14.91
C VAL A 127 -3.85 -28.94 14.41
N VAL A 128 -3.83 -29.81 13.42
CA VAL A 128 -5.11 -30.35 12.93
C VAL A 128 -5.85 -31.11 14.02
N SER A 129 -5.12 -31.89 14.82
CA SER A 129 -5.76 -32.62 15.91
C SER A 129 -6.30 -31.69 16.99
N GLU A 130 -5.52 -30.65 17.30
CA GLU A 130 -5.95 -29.72 18.34
C GLU A 130 -7.21 -28.95 17.92
N ALA A 131 -7.31 -28.68 16.64
CA ALA A 131 -8.48 -27.98 16.09
C ALA A 131 -9.73 -28.84 16.29
N ALA A 132 -9.65 -30.11 15.96
CA ALA A 132 -10.82 -30.98 16.13
C ALA A 132 -11.11 -31.16 17.62
N LEU A 133 -10.08 -31.31 18.43
CA LEU A 133 -10.28 -31.47 19.88
C LEU A 133 -11.02 -30.27 20.48
N ARG A 134 -10.63 -29.07 20.06
CA ARG A 134 -11.24 -27.86 20.60
C ARG A 134 -12.63 -27.53 20.05
N GLY A 135 -13.04 -28.26 19.01
CA GLY A 135 -14.42 -28.18 18.58
C GLY A 135 -14.65 -27.89 17.11
N ALA A 136 -13.58 -27.78 16.33
CA ALA A 136 -13.71 -27.57 14.90
C ALA A 136 -14.08 -28.85 14.18
N ASP A 137 -14.99 -28.75 13.21
CA ASP A 137 -15.25 -29.89 12.34
C ASP A 137 -14.19 -29.93 11.24
N VAL A 138 -13.58 -31.10 11.07
CA VAL A 138 -12.45 -31.22 10.17
C VAL A 138 -12.71 -32.34 9.18
N ARG A 139 -12.57 -32.04 7.90
CA ARG A 139 -12.98 -32.97 6.86
C ARG A 139 -11.98 -32.99 5.71
N PHE A 140 -11.24 -34.09 5.62
CA PHE A 140 -10.27 -34.27 4.57
C PHE A 140 -10.91 -34.99 3.39
N LEU A 141 -10.13 -35.23 2.32
CA LEU A 141 -10.66 -35.78 1.06
C LEU A 141 -11.93 -35.06 0.61
N THR A 142 -11.92 -33.74 0.78
CA THR A 142 -13.06 -32.92 0.43
C THR A 142 -12.55 -31.66 -0.25
N GLU A 143 -13.07 -31.40 -1.45
CA GLU A 143 -12.50 -30.40 -2.33
C GLU A 143 -13.45 -29.23 -2.53
N TYR A 144 -12.96 -28.03 -2.24
CA TYR A 144 -13.74 -26.85 -2.54
C TYR A 144 -13.78 -26.64 -4.05
N LEU A 145 -14.98 -26.42 -4.57
CA LEU A 145 -15.19 -26.27 -6.01
C LEU A 145 -15.52 -24.83 -6.39
N GLY A 146 -16.21 -24.13 -5.50
CA GLY A 146 -16.67 -22.78 -5.78
C GLY A 146 -17.61 -22.30 -4.69
N HIS A 147 -18.03 -21.04 -4.78
CA HIS A 147 -19.02 -20.49 -3.88
C HIS A 147 -19.78 -19.31 -4.49
N VAL A 148 -20.89 -18.95 -3.86
CA VAL A 148 -21.66 -17.78 -4.23
C VAL A 148 -21.90 -16.96 -2.97
N GLU A 149 -21.62 -15.67 -3.03
CA GLU A 149 -21.82 -14.80 -1.89
C GLU A 149 -23.08 -13.99 -2.03
N ASP A 150 -23.96 -14.05 -1.03
CA ASP A 150 -24.95 -13.02 -0.83
C ASP A 150 -24.49 -12.30 0.42
N GLN A 151 -25.18 -11.22 0.76
CA GLN A 151 -24.82 -10.36 1.87
C GLN A 151 -25.44 -10.83 3.18
N ASP A 152 -25.77 -12.11 3.25
CA ASP A 152 -26.23 -12.72 4.49
C ASP A 152 -25.21 -13.81 4.80
N GLY A 153 -24.47 -14.23 3.77
CA GLY A 153 -23.46 -15.27 3.92
C GLY A 153 -22.96 -15.87 2.63
N VAL A 154 -22.40 -17.07 2.69
CA VAL A 154 -21.84 -17.71 1.50
C VAL A 154 -22.31 -19.15 1.34
N THR A 155 -22.40 -19.60 0.10
CA THR A 155 -22.77 -20.98 -0.16
C THR A 155 -21.70 -21.62 -1.02
N ALA A 156 -20.96 -22.57 -0.45
CA ALA A 156 -19.88 -23.23 -1.19
C ALA A 156 -20.28 -24.62 -1.66
N ARG A 157 -19.75 -25.01 -2.82
CA ARG A 157 -19.96 -26.32 -3.42
C ARG A 157 -18.73 -27.18 -3.13
N LEU A 158 -18.96 -28.33 -2.47
CA LEU A 158 -17.87 -29.24 -2.11
C LEU A 158 -18.01 -30.58 -2.84
N LEU A 159 -16.85 -31.17 -3.16
CA LEU A 159 -16.81 -32.48 -3.77
C LEU A 159 -16.12 -33.42 -2.78
N ASP A 160 -16.81 -34.51 -2.43
CA ASP A 160 -16.31 -35.48 -1.46
C ASP A 160 -15.58 -36.58 -2.19
N HIS A 161 -14.27 -36.69 -1.96
CA HIS A 161 -13.48 -37.69 -2.66
C HIS A 161 -13.58 -39.11 -2.07
N VAL A 162 -14.37 -39.28 -1.02
CA VAL A 162 -14.67 -40.64 -0.55
C VAL A 162 -16.00 -41.15 -1.09
N SER A 163 -17.07 -40.40 -0.88
CA SER A 163 -18.40 -40.86 -1.33
C SER A 163 -18.66 -40.53 -2.80
N GLY A 164 -17.93 -39.55 -3.33
CA GLY A 164 -18.11 -39.10 -4.70
C GLY A 164 -19.23 -38.09 -4.74
N ALA A 165 -19.85 -37.86 -3.59
CA ALA A 165 -20.97 -36.92 -3.48
C ALA A 165 -20.54 -35.47 -3.55
N GLU A 166 -21.42 -34.63 -4.10
CA GLU A 166 -21.20 -33.20 -4.17
C GLU A 166 -22.25 -32.55 -3.27
N TYR A 167 -21.82 -31.70 -2.34
CA TYR A 167 -22.79 -31.06 -1.46
C TYR A 167 -22.44 -29.60 -1.18
N GLU A 168 -23.41 -28.87 -0.63
CA GLU A 168 -23.22 -27.45 -0.35
C GLU A 168 -23.04 -27.22 1.14
N VAL A 169 -22.23 -26.22 1.46
CA VAL A 169 -22.12 -25.73 2.83
C VAL A 169 -22.51 -24.26 2.87
N ARG A 170 -23.37 -23.92 3.81
CA ARG A 170 -23.75 -22.53 4.02
C ARG A 170 -22.92 -22.01 5.17
N ALA A 171 -22.20 -20.92 4.94
CA ALA A 171 -21.38 -20.30 5.98
C ALA A 171 -21.70 -18.81 6.10
N LYS A 172 -21.06 -18.16 7.05
CA LYS A 172 -21.17 -16.72 7.20
C LYS A 172 -19.90 -16.15 6.55
N TYR A 173 -18.76 -16.77 6.84
CA TYR A 173 -17.49 -16.40 6.24
C TYR A 173 -16.72 -17.58 5.66
N ILE A 174 -15.94 -17.31 4.61
CA ILE A 174 -14.98 -18.26 4.09
C ILE A 174 -13.64 -17.83 4.68
N ILE A 175 -12.69 -18.76 4.74
CA ILE A 175 -11.31 -18.41 4.97
C ILE A 175 -10.69 -19.17 3.81
N GLY A 176 -9.98 -18.47 2.93
CA GLY A 176 -9.19 -19.11 1.89
C GLY A 176 -7.78 -19.39 2.39
N ALA A 177 -7.56 -20.56 2.99
CA ALA A 177 -6.23 -20.95 3.40
C ALA A 177 -5.75 -22.07 2.47
N ASP A 178 -6.06 -21.92 1.19
CA ASP A 178 -5.92 -23.02 0.25
C ASP A 178 -4.66 -23.00 -0.61
N GLY A 179 -3.64 -22.29 -0.14
CA GLY A 179 -2.31 -22.52 -0.66
C GLY A 179 -1.98 -21.71 -1.89
N ALA A 180 -0.83 -22.02 -2.47
CA ALA A 180 -0.19 -21.13 -3.45
C ALA A 180 -1.00 -20.96 -4.75
N HIS A 181 -1.97 -21.83 -4.98
CA HIS A 181 -2.81 -21.72 -6.17
C HIS A 181 -4.27 -21.59 -5.76
N SER A 182 -4.48 -20.80 -4.73
CA SER A 182 -5.79 -20.60 -4.14
C SER A 182 -6.89 -20.32 -5.15
N LEU A 183 -7.82 -21.27 -5.29
CA LEU A 183 -9.03 -21.05 -6.07
C LEU A 183 -9.97 -20.08 -5.33
N VAL A 184 -9.84 -20.02 -4.01
CA VAL A 184 -10.63 -19.09 -3.22
C VAL A 184 -10.21 -17.64 -3.51
N ALA A 185 -8.89 -17.40 -3.58
CA ALA A 185 -8.40 -16.08 -3.94
C ALA A 185 -8.81 -15.68 -5.37
N GLN A 186 -8.82 -16.66 -6.27
CA GLN A 186 -9.23 -16.46 -7.65
C GLN A 186 -10.71 -16.11 -7.72
N ASN A 187 -11.52 -16.84 -6.98
CA ASN A 187 -12.95 -16.58 -6.98
C ASN A 187 -13.32 -15.28 -6.27
N ALA A 188 -12.48 -14.84 -5.35
CA ALA A 188 -12.67 -13.58 -4.65
C ALA A 188 -12.13 -12.43 -5.48
N GLY A 189 -11.45 -12.75 -6.58
CA GLY A 189 -10.87 -11.74 -7.46
C GLY A 189 -9.80 -10.87 -6.81
N LEU A 190 -9.00 -11.44 -5.92
CA LEU A 190 -7.90 -10.69 -5.28
C LEU A 190 -6.80 -10.33 -6.28
N PRO A 191 -6.37 -9.06 -6.28
CA PRO A 191 -5.28 -8.62 -7.14
C PRO A 191 -3.93 -9.03 -6.56
N PHE A 192 -3.04 -9.52 -7.41
CA PHE A 192 -1.69 -9.88 -6.99
C PHE A 192 -0.68 -8.99 -7.72
N GLU A 193 0.41 -8.63 -7.04
CA GLU A 193 1.48 -7.86 -7.65
C GLU A 193 2.82 -8.52 -7.34
N GLY A 194 3.90 -7.86 -7.78
CA GLY A 194 5.24 -8.34 -7.50
C GLY A 194 5.64 -9.50 -8.40
N GLY A 202 11.69 -22.40 -8.55
CA GLY A 202 11.54 -23.84 -8.47
C GLY A 202 12.68 -24.54 -7.74
N SER A 203 12.47 -25.80 -7.37
CA SER A 203 13.51 -26.62 -6.73
C SER A 203 13.12 -28.10 -6.62
N ILE A 204 14.13 -28.96 -6.62
CA ILE A 204 13.93 -30.39 -6.41
C ILE A 204 14.33 -30.79 -4.99
N ASN A 205 13.49 -31.59 -4.33
CA ASN A 205 13.78 -32.09 -2.99
C ASN A 205 13.89 -33.62 -3.01
N ILE A 206 14.84 -34.17 -2.27
CA ILE A 206 14.97 -35.61 -2.22
C ILE A 206 15.13 -36.01 -0.77
N GLU A 207 14.21 -36.82 -0.27
CA GLU A 207 14.34 -37.34 1.09
C GLU A 207 15.06 -38.69 1.09
N PHE A 208 16.10 -38.78 1.91
CA PHE A 208 16.85 -40.01 2.08
C PHE A 208 17.15 -40.25 3.56
N SER A 209 17.64 -41.45 3.88
CA SER A 209 18.01 -41.79 5.25
C SER A 209 19.42 -42.33 5.31
N ALA A 210 20.26 -41.70 6.12
CA ALA A 210 21.64 -42.13 6.27
C ALA A 210 22.21 -41.63 7.60
N ASP A 211 23.04 -42.45 8.23
CA ASP A 211 23.73 -42.04 9.44
C ASP A 211 24.86 -41.06 9.11
N LEU A 212 24.59 -39.77 9.27
CA LEU A 212 25.59 -38.74 9.07
C LEU A 212 26.06 -38.17 10.39
N SER A 213 25.85 -38.92 11.47
CA SER A 213 26.18 -38.46 12.81
C SER A 213 27.67 -38.11 12.92
N SER A 214 28.52 -39.00 12.42
CA SER A 214 29.97 -38.83 12.44
C SER A 214 30.41 -37.49 11.86
N LEU A 215 29.71 -37.03 10.83
CA LEU A 215 30.11 -35.84 10.11
C LEU A 215 29.21 -34.62 10.36
N CYS A 216 28.63 -34.59 11.56
CA CYS A 216 27.78 -33.49 11.98
C CYS A 216 27.74 -33.43 13.50
N GLU A 217 28.22 -34.48 14.15
CA GLU A 217 28.23 -34.53 15.62
C GLU A 217 28.96 -33.33 16.18
N HIS A 218 30.09 -33.19 15.74
CA HIS A 218 31.22 -32.33 16.03
C HIS A 218 31.17 -31.06 15.21
N LYS A 220 26.70 -29.23 13.90
CA LYS A 220 25.37 -28.95 14.41
C LYS A 220 24.76 -27.70 13.79
N GLY A 221 24.92 -27.57 12.47
CA GLY A 221 24.30 -26.53 11.67
C GLY A 221 23.02 -27.34 11.52
N ASP A 222 21.98 -26.61 11.15
CA ASP A 222 20.68 -27.10 10.70
C ASP A 222 20.82 -27.46 9.24
N MET A 223 21.81 -26.88 8.58
CA MET A 223 22.00 -27.11 7.16
C MET A 223 23.44 -27.15 6.72
N TYR A 224 23.66 -27.90 5.65
CA TYR A 224 24.93 -27.97 4.96
C TYR A 224 24.66 -27.43 3.57
N TRP A 225 25.43 -26.44 3.13
CA TRP A 225 25.26 -25.92 1.79
C TRP A 225 26.46 -26.19 0.93
N MET A 226 26.24 -26.87 -0.18
CA MET A 226 27.31 -27.28 -1.09
C MET A 226 27.29 -26.40 -2.34
N PHE A 227 28.48 -25.94 -2.72
CA PHE A 227 28.65 -25.18 -3.95
C PHE A 227 29.13 -26.11 -5.05
N GLY A 237 26.37 -25.16 -9.19
CA GLY A 237 25.02 -25.34 -8.67
C GLY A 237 25.05 -25.61 -7.17
N VAL A 238 24.26 -24.83 -6.42
CA VAL A 238 24.23 -24.94 -4.96
C VAL A 238 23.19 -25.94 -4.43
N ALA A 239 23.67 -26.93 -3.68
CA ALA A 239 22.81 -27.99 -3.17
C ALA A 239 22.77 -28.01 -1.64
N ALA A 240 21.57 -27.85 -1.07
CA ALA A 240 21.41 -27.85 0.39
C ALA A 240 21.18 -29.24 0.97
N LEU A 241 21.94 -29.56 2.01
CA LEU A 241 21.72 -30.76 2.80
C LEU A 241 21.13 -30.35 4.15
N ARG A 242 19.82 -30.59 4.28
CA ARG A 242 19.06 -30.11 5.42
C ARG A 242 18.69 -31.25 6.36
N MET A 243 18.84 -30.98 7.65
CA MET A 243 18.55 -31.95 8.69
C MET A 243 17.05 -32.12 8.89
N ILE A 244 16.57 -33.36 8.84
CA ILE A 244 15.16 -33.66 9.08
C ILE A 244 14.98 -34.10 10.52
N ARG A 245 15.73 -35.13 10.87
CA ARG A 245 15.96 -35.50 12.25
C ARG A 245 17.46 -35.72 12.38
N PRO A 246 18.05 -35.24 13.48
CA PRO A 246 19.50 -35.34 13.67
C PRO A 246 19.91 -36.72 14.18
N TRP A 247 20.68 -37.42 13.37
CA TRP A 247 21.13 -36.92 12.08
C TRP A 247 20.96 -38.02 11.05
N ASN A 248 19.81 -38.68 11.12
CA ASN A 248 19.57 -39.93 10.41
C ASN A 248 18.58 -39.78 9.26
N LYS A 249 17.77 -38.74 9.33
CA LYS A 249 16.83 -38.44 8.25
C LYS A 249 17.23 -37.14 7.57
N TRP A 250 17.20 -37.16 6.25
CA TRP A 250 17.81 -36.09 5.49
C TRP A 250 16.98 -35.64 4.30
N ILE A 251 17.36 -34.48 3.78
CA ILE A 251 16.79 -33.98 2.54
C ILE A 251 17.79 -33.14 1.78
N CYS A 252 17.95 -33.44 0.50
CA CYS A 252 18.76 -32.59 -0.35
C CYS A 252 17.86 -31.73 -1.25
N VAL A 253 18.20 -30.44 -1.34
CA VAL A 253 17.44 -29.48 -2.12
C VAL A 253 18.38 -28.71 -3.03
N TRP A 254 17.99 -28.51 -4.29
CA TRP A 254 18.75 -27.68 -5.21
C TRP A 254 17.88 -26.90 -6.20
N GLY A 255 18.50 -26.00 -6.95
CA GLY A 255 17.77 -25.12 -7.84
C GLY A 255 17.31 -25.76 -9.14
N THR A 266 13.82 -38.10 -11.81
CA THR A 266 15.02 -38.70 -11.23
C THR A 266 14.78 -40.16 -10.85
N LYS A 267 15.83 -40.96 -10.88
CA LYS A 267 15.74 -42.41 -10.66
C LYS A 267 16.66 -42.83 -9.51
N GLU A 268 17.32 -43.97 -9.66
CA GLU A 268 18.33 -44.42 -8.69
C GLU A 268 19.60 -43.59 -8.82
N GLU A 269 19.61 -42.69 -9.79
CA GLU A 269 20.68 -41.72 -9.98
C GLU A 269 20.71 -40.74 -8.82
N ALA A 270 19.55 -40.55 -8.20
CA ALA A 270 19.42 -39.68 -7.03
C ALA A 270 20.33 -40.17 -5.92
N LYS A 271 20.52 -41.49 -5.87
CA LYS A 271 21.47 -42.11 -4.96
C LYS A 271 22.85 -41.55 -5.21
N LYS A 272 23.27 -41.56 -6.48
CA LYS A 272 24.55 -41.00 -6.87
C LYS A 272 24.60 -39.51 -6.55
N ILE A 273 23.46 -38.84 -6.69
CA ILE A 273 23.35 -37.41 -6.34
C ILE A 273 23.55 -37.19 -4.85
N ILE A 274 23.08 -38.13 -4.05
CA ILE A 274 23.30 -38.06 -2.62
C ILE A 274 24.71 -38.51 -2.21
N HIS A 275 25.39 -39.24 -3.11
CA HIS A 275 26.77 -39.72 -2.85
C HIS A 275 27.79 -38.59 -3.11
N GLU A 276 27.61 -37.83 -4.18
CA GLU A 276 28.59 -36.81 -4.51
C GLU A 276 28.39 -35.55 -3.65
N ILE A 277 27.21 -35.44 -3.06
CA ILE A 277 26.91 -34.33 -2.16
C ILE A 277 27.41 -34.64 -0.76
N ILE A 278 27.46 -35.93 -0.43
CA ILE A 278 28.03 -36.37 0.84
C ILE A 278 29.54 -36.53 0.70
N GLY A 279 30.02 -36.64 -0.54
CA GLY A 279 31.44 -36.77 -0.80
C GLY A 279 32.06 -38.07 -0.29
N THR A 280 31.21 -39.08 -0.14
CA THR A 280 31.65 -40.44 0.18
C THR A 280 30.47 -41.40 -0.02
N ASP A 281 30.68 -42.47 -0.76
CA ASP A 281 29.63 -43.47 -0.93
C ASP A 281 29.85 -44.61 0.06
N GLU A 282 30.17 -44.23 1.30
CA GLU A 282 30.57 -45.20 2.31
C GLU A 282 29.45 -45.43 3.32
N ILE A 283 28.53 -44.47 3.37
CA ILE A 283 27.39 -44.57 4.27
C ILE A 283 26.23 -45.20 3.47
N PRO A 284 25.59 -46.23 4.02
CA PRO A 284 24.38 -46.68 3.34
C PRO A 284 23.32 -45.58 3.29
N VAL A 285 22.75 -45.37 2.11
CA VAL A 285 21.73 -44.34 1.92
C VAL A 285 20.40 -44.99 1.53
N GLU A 286 19.31 -44.45 2.03
CA GLU A 286 17.98 -44.98 1.74
C GLU A 286 17.15 -43.91 1.04
N VAL A 287 17.12 -43.95 -0.30
CA VAL A 287 16.45 -42.93 -1.09
C VAL A 287 14.94 -42.89 -0.90
N GLY A 288 14.46 -41.84 -0.23
CA GLY A 288 13.03 -41.65 -0.03
C GLY A 288 12.39 -40.92 -1.20
N PRO A 289 11.23 -40.31 -0.94
CA PRO A 289 10.41 -39.65 -1.96
C PRO A 289 11.08 -38.40 -2.53
N ILE A 290 10.83 -38.17 -3.82
CA ILE A 290 11.40 -37.07 -4.56
C ILE A 290 10.25 -36.18 -4.98
N SER A 291 10.33 -34.91 -4.65
CA SER A 291 9.27 -34.00 -5.05
C SER A 291 9.88 -32.78 -5.72
N THR A 292 9.03 -31.87 -6.15
CA THR A 292 9.50 -30.62 -6.71
C THR A 292 8.60 -29.54 -6.12
N TRP A 293 9.09 -28.31 -6.16
CA TRP A 293 8.37 -27.19 -5.59
C TRP A 293 8.60 -26.01 -6.50
N THR A 294 7.55 -25.53 -7.17
CA THR A 294 7.67 -24.35 -8.01
C THR A 294 6.97 -23.20 -7.34
N ILE A 295 7.49 -21.99 -7.56
CA ILE A 295 6.96 -20.82 -6.89
C ILE A 295 6.84 -19.69 -7.88
N ASN A 296 5.64 -19.12 -7.95
CA ASN A 296 5.45 -17.87 -8.68
C ASN A 296 5.35 -16.78 -7.64
N GLN A 297 6.45 -16.05 -7.45
CA GLN A 297 6.55 -15.09 -6.38
C GLN A 297 5.60 -13.94 -6.57
N GLN A 298 4.60 -13.85 -5.70
CA GLN A 298 3.59 -12.79 -5.76
C GLN A 298 3.01 -12.59 -4.38
N TYR A 299 2.42 -11.43 -4.15
CA TYR A 299 1.62 -11.19 -2.96
C TYR A 299 0.28 -10.63 -3.39
N ALA A 300 -0.76 -10.88 -2.61
CA ALA A 300 -2.04 -10.22 -2.84
C ALA A 300 -1.96 -8.80 -2.28
N VAL A 301 -2.39 -7.82 -3.07
CA VAL A 301 -2.35 -6.44 -2.56
C VAL A 301 -3.50 -6.22 -1.59
N ARG A 302 -4.54 -7.05 -1.72
CA ARG A 302 -5.68 -7.03 -0.83
C ARG A 302 -5.94 -8.50 -0.46
N ASN A 303 -6.30 -8.81 0.79
CA ASN A 303 -6.47 -10.21 1.20
C ASN A 303 -7.92 -10.62 1.49
N THR A 304 -8.82 -9.67 1.28
CA THR A 304 -10.21 -9.79 1.69
C THR A 304 -11.11 -9.31 0.56
N SER A 305 -12.19 -10.04 0.29
CA SER A 305 -13.23 -9.56 -0.61
C SER A 305 -14.60 -9.99 -0.06
N GLY A 306 -15.39 -9.03 0.40
CA GLY A 306 -16.69 -9.33 0.98
C GLY A 306 -16.55 -10.25 2.19
N ARG A 307 -17.13 -11.44 2.11
CA ARG A 307 -17.08 -12.37 3.25
C ARG A 307 -15.95 -13.39 3.12
N VAL A 308 -15.06 -13.16 2.16
CA VAL A 308 -13.95 -14.05 1.90
C VAL A 308 -12.66 -13.43 2.39
N PHE A 309 -11.92 -14.19 3.19
CA PHE A 309 -10.62 -13.76 3.72
C PHE A 309 -9.60 -14.81 3.36
N CYS A 310 -8.50 -14.37 2.75
CA CYS A 310 -7.47 -15.30 2.35
C CYS A 310 -6.23 -15.08 3.19
N MET A 311 -5.43 -16.13 3.34
CA MET A 311 -4.32 -16.08 4.26
C MET A 311 -3.29 -17.12 3.87
N GLY A 312 -2.08 -17.03 4.42
CA GLY A 312 -1.05 -18.02 4.15
C GLY A 312 -0.52 -17.89 2.74
N ASP A 313 -0.08 -19.02 2.16
CA ASP A 313 0.40 -19.06 0.78
C ASP A 313 -0.60 -18.48 -0.22
N ALA A 314 -1.87 -18.48 0.13
CA ALA A 314 -2.93 -17.94 -0.73
C ALA A 314 -2.72 -16.44 -1.06
N VAL A 315 -2.11 -15.71 -0.13
CA VAL A 315 -1.82 -14.27 -0.32
C VAL A 315 -0.32 -13.90 -0.34
N HIS A 316 0.57 -14.84 -0.06
CA HIS A 316 2.00 -14.59 -0.20
C HIS A 316 2.76 -15.83 -0.63
N ARG A 317 3.26 -15.78 -1.87
CA ARG A 317 3.99 -16.88 -2.49
C ARG A 317 5.43 -16.42 -2.69
N HIS A 318 6.39 -17.17 -2.15
CA HIS A 318 7.77 -16.67 -2.11
C HIS A 318 8.83 -17.75 -1.90
N THR A 319 10.10 -17.36 -2.02
CA THR A 319 11.23 -18.25 -1.77
C THR A 319 11.31 -18.67 -0.30
N PRO A 320 12.00 -19.78 -0.02
CA PRO A 320 12.10 -20.23 1.37
C PRO A 320 13.09 -19.44 2.22
N MET A 321 13.87 -18.56 1.58
CA MET A 321 14.89 -17.81 2.33
C MET A 321 14.29 -17.05 3.51
N GLY A 322 14.83 -17.32 4.70
CA GLY A 322 14.37 -16.67 5.91
C GLY A 322 13.30 -17.46 6.64
N GLY A 323 12.81 -18.51 6.01
CA GLY A 323 11.77 -19.35 6.59
C GLY A 323 10.58 -18.57 7.09
N LEU A 324 10.11 -17.62 6.30
CA LEU A 324 9.03 -16.73 6.74
C LEU A 324 7.64 -17.28 6.44
N GLY A 325 7.55 -18.24 5.53
CA GLY A 325 6.28 -18.70 5.01
C GLY A 325 5.29 -19.22 6.05
N LEU A 326 5.64 -20.33 6.67
CA LEU A 326 4.75 -20.97 7.62
C LEU A 326 4.45 -20.01 8.74
N ASN A 327 5.51 -19.39 9.25
CA ASN A 327 5.37 -18.44 10.34
C ASN A 327 4.44 -17.26 10.06
N THR A 328 4.52 -16.68 8.87
CA THR A 328 3.65 -15.53 8.56
C THR A 328 2.22 -16.00 8.37
N SER A 329 2.09 -17.17 7.78
CA SER A 329 0.80 -17.82 7.55
C SER A 329 0.06 -18.09 8.85
N VAL A 330 0.77 -18.61 9.84
CA VAL A 330 0.17 -18.85 11.15
C VAL A 330 -0.22 -17.54 11.81
N GLN A 331 0.62 -16.54 11.65
CA GLN A 331 0.30 -15.21 12.17
C GLN A 331 -0.88 -14.53 11.47
N ASP A 332 -1.07 -14.79 10.17
CA ASP A 332 -2.30 -14.35 9.47
C ASP A 332 -3.55 -14.87 10.19
N ALA A 333 -3.52 -16.16 10.54
CA ALA A 333 -4.64 -16.80 11.21
C ALA A 333 -4.90 -16.18 12.58
N TYR A 334 -3.83 -15.90 13.31
CA TYR A 334 -3.91 -15.37 14.68
C TYR A 334 -4.48 -13.95 14.67
N ASN A 335 -4.18 -13.21 13.61
CA ASN A 335 -4.72 -11.87 13.44
C ASN A 335 -6.23 -11.90 13.21
N LEU A 336 -6.71 -12.86 12.42
CA LEU A 336 -8.10 -12.87 11.95
C LEU A 336 -9.09 -13.53 12.90
N ALA A 337 -8.69 -14.62 13.56
CA ALA A 337 -9.67 -15.44 14.28
C ALA A 337 -10.45 -14.69 15.37
N TRP A 338 -9.75 -13.99 16.25
CA TRP A 338 -10.45 -13.27 17.31
C TRP A 338 -11.37 -12.17 16.78
N LYS A 339 -11.05 -11.64 15.61
CA LYS A 339 -11.88 -10.59 15.05
C LYS A 339 -13.16 -11.20 14.50
N LEU A 340 -13.05 -12.30 13.77
CA LEU A 340 -14.24 -13.01 13.30
C LEU A 340 -15.13 -13.41 14.50
N ALA A 341 -14.51 -13.88 15.58
CA ALA A 341 -15.28 -14.32 16.75
C ALA A 341 -16.08 -13.19 17.39
N LEU A 342 -15.47 -12.03 17.58
CA LEU A 342 -16.19 -10.86 18.09
C LEU A 342 -17.33 -10.42 17.18
N VAL A 343 -17.13 -10.51 15.88
CA VAL A 343 -18.16 -10.09 14.93
C VAL A 343 -19.31 -11.08 14.88
N LEU A 344 -18.96 -12.36 14.79
CA LEU A 344 -19.94 -13.44 14.87
C LEU A 344 -20.75 -13.37 16.16
N LYS A 345 -20.10 -12.99 17.25
CA LYS A 345 -20.82 -12.86 18.53
C LYS A 345 -21.65 -11.58 18.63
N GLY A 346 -21.50 -10.67 17.66
CA GLY A 346 -22.22 -9.41 17.69
C GLY A 346 -21.57 -8.40 18.63
N THR A 347 -20.40 -8.74 19.16
CA THR A 347 -19.67 -7.87 20.08
C THR A 347 -18.90 -6.77 19.32
N ALA A 348 -18.45 -7.10 18.12
CA ALA A 348 -17.82 -6.11 17.24
C ALA A 348 -18.67 -5.92 15.99
N ALA A 349 -18.68 -4.70 15.46
CA ALA A 349 -19.30 -4.47 14.15
C ALA A 349 -18.45 -5.16 13.08
N PRO A 350 -19.06 -5.56 11.96
CA PRO A 350 -18.32 -6.23 10.89
C PRO A 350 -17.12 -5.41 10.37
N THR A 351 -17.08 -4.10 10.62
CA THR A 351 -15.93 -3.32 10.16
C THR A 351 -14.62 -3.65 10.90
N LEU A 352 -14.72 -4.31 12.06
CA LEU A 352 -13.51 -4.83 12.70
C LEU A 352 -12.71 -5.64 11.68
N LEU A 353 -13.39 -6.37 10.80
CA LEU A 353 -12.67 -7.24 9.88
C LEU A 353 -11.86 -6.53 8.80
N ASP A 354 -12.17 -5.26 8.52
CA ASP A 354 -11.38 -4.49 7.58
C ASP A 354 -9.91 -4.44 7.98
N SER A 355 -9.66 -4.52 9.29
CA SER A 355 -8.30 -4.41 9.82
C SER A 355 -7.42 -5.61 9.47
N TYR A 356 -8.04 -6.71 9.03
CA TYR A 356 -7.25 -7.86 8.63
C TYR A 356 -6.43 -7.50 7.40
N ASP A 357 -7.07 -6.93 6.38
CA ASP A 357 -6.34 -6.46 5.20
C ASP A 357 -5.32 -5.40 5.58
N ALA A 358 -5.73 -4.46 6.40
CA ALA A 358 -4.91 -3.30 6.73
C ALA A 358 -3.60 -3.70 7.42
N GLU A 359 -3.68 -4.67 8.33
CA GLU A 359 -2.52 -5.11 9.12
C GLU A 359 -1.70 -6.25 8.48
N ARG A 360 -2.35 -7.14 7.76
CA ARG A 360 -1.64 -8.29 7.22
C ARG A 360 -1.13 -8.15 5.78
N SER A 361 -1.85 -7.40 4.95
CA SER A 361 -1.38 -7.20 3.56
C SER A 361 0.00 -6.56 3.47
N PRO A 362 0.31 -5.57 4.34
CA PRO A 362 1.69 -5.06 4.25
C PRO A 362 2.68 -6.13 4.66
N VAL A 363 2.27 -7.08 5.48
CA VAL A 363 3.23 -8.14 5.85
C VAL A 363 3.42 -9.07 4.66
N ALA A 364 2.34 -9.36 3.94
CA ALA A 364 2.42 -10.20 2.75
C ALA A 364 3.44 -9.68 1.72
N LYS A 365 3.32 -8.40 1.37
CA LYS A 365 4.24 -7.79 0.43
C LYS A 365 5.65 -7.82 1.00
N GLN A 366 5.77 -7.51 2.28
CA GLN A 366 7.08 -7.41 2.92
C GLN A 366 7.84 -8.72 2.82
N ILE A 367 7.17 -9.84 3.11
CA ILE A 367 7.91 -11.10 3.14
C ILE A 367 8.20 -11.64 1.77
N VAL A 368 7.32 -11.41 0.81
CA VAL A 368 7.62 -11.84 -0.55
C VAL A 368 8.86 -11.09 -1.04
N GLU A 369 8.90 -9.78 -0.80
CA GLU A 369 10.06 -8.99 -1.21
C GLU A 369 11.34 -9.39 -0.48
N ARG A 370 11.26 -9.61 0.83
CA ARG A 370 12.43 -9.99 1.61
C ARG A 370 12.99 -11.35 1.17
N ALA A 371 12.10 -12.33 1.00
CA ALA A 371 12.53 -13.67 0.64
C ALA A 371 13.24 -13.66 -0.72
N PHE A 372 12.74 -12.83 -1.64
CA PHE A 372 13.35 -12.71 -2.95
C PHE A 372 14.72 -12.05 -2.87
N LYS A 373 14.80 -10.95 -2.13
CA LYS A 373 16.03 -10.17 -2.02
C LYS A 373 17.19 -11.00 -1.50
N SER A 374 16.90 -11.91 -0.56
CA SER A 374 17.92 -12.78 -0.01
C SER A 374 18.62 -13.69 -1.05
N LEU A 375 17.95 -13.97 -2.16
CA LEU A 375 18.55 -14.78 -3.22
C LEU A 375 19.81 -14.14 -3.79
N SER A 376 19.82 -12.82 -3.90
CA SER A 376 20.97 -12.12 -4.45
C SER A 376 22.17 -12.06 -3.49
N THR A 377 22.07 -12.71 -2.32
CA THR A 377 23.22 -12.76 -1.41
C THR A 377 24.15 -13.90 -1.79
N PHE A 378 23.74 -14.71 -2.76
CA PHE A 378 24.48 -15.92 -3.12
C PHE A 378 25.46 -15.86 -4.28
N PRO A 379 25.08 -15.19 -5.40
CA PRO A 379 26.10 -14.98 -6.44
C PRO A 379 27.43 -14.36 -5.96
N PRO A 380 27.41 -13.41 -4.99
CA PRO A 380 28.72 -12.88 -4.60
C PRO A 380 29.65 -13.94 -4.01
N VAL A 381 29.09 -15.05 -3.54
CA VAL A 381 29.91 -16.12 -3.01
C VAL A 381 30.72 -16.78 -4.13
N PHE A 382 30.04 -17.13 -5.21
CA PHE A 382 30.71 -17.65 -6.40
C PHE A 382 31.70 -16.65 -6.97
N GLU A 383 31.29 -15.38 -6.97
CA GLU A 383 32.12 -14.31 -7.52
C GLU A 383 33.39 -14.10 -6.71
N ALA A 384 33.29 -14.19 -5.39
CA ALA A 384 34.48 -14.04 -4.55
C ALA A 384 35.43 -15.19 -4.83
N LEU A 385 34.85 -16.32 -5.24
CA LEU A 385 35.64 -17.49 -5.65
C LEU A 385 36.27 -17.25 -7.01
N SER A 386 35.70 -16.31 -7.78
CA SER A 386 36.15 -16.01 -9.13
C SER A 386 35.64 -17.16 -9.99
N LEU A 387 34.39 -17.53 -9.75
CA LEU A 387 33.74 -18.62 -10.44
C LEU A 387 32.61 -18.09 -11.31
N PRO A 388 32.23 -18.86 -12.34
CA PRO A 388 31.02 -18.54 -13.10
C PRO A 388 29.83 -19.12 -12.35
N PRO A 389 28.60 -18.72 -12.72
CA PRO A 389 27.37 -19.30 -12.18
C PRO A 389 27.44 -20.84 -12.10
N ALA A 390 27.88 -21.48 -13.17
CA ALA A 390 28.02 -22.94 -13.18
C ALA A 390 29.47 -23.38 -13.37
N PRO A 391 30.13 -23.78 -12.27
CA PRO A 391 31.53 -24.22 -12.28
C PRO A 391 31.71 -25.72 -12.54
N THR A 392 32.67 -26.06 -13.39
CA THR A 392 33.05 -27.46 -13.62
C THR A 392 33.83 -27.99 -12.43
N GLU A 393 34.10 -29.30 -12.40
CA GLU A 393 34.86 -29.88 -11.30
C GLU A 393 36.30 -29.37 -11.28
N SER A 394 36.84 -29.09 -12.46
CA SER A 394 38.20 -28.56 -12.53
C SER A 394 38.22 -27.09 -12.11
N GLU A 395 37.14 -26.37 -12.39
CA GLU A 395 37.04 -24.96 -12.03
C GLU A 395 36.86 -24.79 -10.53
N MET A 396 36.16 -25.73 -9.91
CA MET A 396 35.91 -25.68 -8.48
C MET A 396 37.14 -26.10 -7.69
N ALA A 397 37.86 -27.11 -8.18
CA ALA A 397 39.08 -27.54 -7.53
C ALA A 397 40.15 -26.46 -7.68
N GLU A 398 40.03 -25.68 -8.74
CA GLU A 398 40.97 -24.60 -9.02
C GLU A 398 40.75 -23.46 -8.03
N ALA A 399 39.47 -23.23 -7.67
CA ALA A 399 39.12 -22.17 -6.73
C ALA A 399 39.57 -22.51 -5.32
N LEU A 400 39.58 -23.79 -4.98
CA LEU A 400 40.08 -24.24 -3.68
C LEU A 400 41.57 -23.97 -3.60
N VAL A 401 42.25 -24.16 -4.72
CA VAL A 401 43.68 -23.90 -4.79
C VAL A 401 43.95 -22.43 -4.55
N ARG A 402 43.24 -21.56 -5.28
CA ARG A 402 43.45 -20.12 -5.17
C ARG A 402 43.11 -19.61 -3.78
N LEU A 403 42.28 -20.37 -3.08
CA LEU A 403 41.81 -19.98 -1.77
C LEU A 403 42.87 -20.21 -0.69
N LYS A 404 43.79 -21.14 -0.95
CA LYS A 404 44.87 -21.43 -0.01
C LYS A 404 46.17 -20.77 -0.45
N ASP A 405 46.08 -19.87 -1.42
CA ASP A 405 47.25 -19.20 -1.97
C ASP A 405 47.87 -18.29 -0.92
N ALA A 406 49.18 -18.39 -0.73
CA ALA A 406 49.87 -17.61 0.31
C ALA A 406 50.16 -16.16 -0.06
N SER A 407 49.55 -15.67 -1.14
CA SER A 407 49.83 -14.29 -1.57
C SER A 407 48.86 -13.29 -0.95
N GLU A 408 49.19 -12.01 -1.06
CA GLU A 408 48.29 -10.95 -0.61
C GLU A 408 46.98 -11.03 -1.38
N GLU A 409 47.06 -11.46 -2.63
CA GLU A 409 45.87 -11.65 -3.44
C GLU A 409 45.03 -12.81 -2.91
N GLY A 410 45.70 -13.86 -2.41
CA GLY A 410 45.02 -14.95 -1.73
C GLY A 410 44.32 -14.48 -0.46
N ALA A 411 44.97 -13.56 0.26
CA ALA A 411 44.36 -12.96 1.45
C ALA A 411 43.11 -12.16 1.08
N LYS A 412 43.19 -11.37 0.01
CA LYS A 412 42.04 -10.59 -0.41
C LYS A 412 40.89 -11.51 -0.82
N ARG A 413 41.25 -12.63 -1.43
CA ARG A 413 40.28 -13.64 -1.83
C ARG A 413 39.57 -14.26 -0.63
N ARG A 414 40.33 -14.59 0.40
CA ARG A 414 39.75 -15.16 1.61
C ARG A 414 38.86 -14.14 2.32
N ALA A 415 39.28 -12.88 2.35
CA ALA A 415 38.42 -11.87 2.92
C ALA A 415 37.16 -11.67 2.06
N ALA A 416 37.31 -11.70 0.74
CA ALA A 416 36.15 -11.53 -0.14
C ALA A 416 35.12 -12.64 0.07
N LEU A 417 35.59 -13.88 0.22
CA LEU A 417 34.72 -15.02 0.46
C LEU A 417 33.98 -14.92 1.80
N ARG A 418 34.72 -14.57 2.84
CA ARG A 418 34.12 -14.34 4.16
C ARG A 418 33.05 -13.24 4.11
N LYS A 419 33.34 -12.14 3.42
CA LYS A 419 32.38 -11.05 3.34
C LYS A 419 31.10 -11.52 2.66
N ALA A 420 31.25 -12.31 1.61
CA ALA A 420 30.11 -12.86 0.88
C ALA A 420 29.29 -13.84 1.72
N MET A 421 29.96 -14.75 2.41
CA MET A 421 29.25 -15.73 3.24
C MET A 421 28.49 -15.03 4.36
N ASP A 422 29.14 -14.05 4.98
CA ASP A 422 28.52 -13.29 6.07
C ASP A 422 27.23 -12.63 5.61
N ALA A 423 27.21 -12.12 4.39
CA ALA A 423 26.03 -11.43 3.88
C ALA A 423 24.84 -12.37 3.65
N THR A 424 25.09 -13.67 3.61
CA THR A 424 23.96 -14.61 3.42
C THR A 424 23.12 -14.81 4.69
N ILE A 425 23.63 -14.32 5.83
CA ILE A 425 22.97 -14.51 7.12
C ILE A 425 21.57 -13.90 7.20
N ILE A 426 21.33 -12.84 6.43
CA ILE A 426 20.03 -12.18 6.42
C ILE A 426 18.90 -13.16 6.08
N GLY A 427 19.20 -14.19 5.29
CA GLY A 427 18.23 -15.21 4.97
C GLY A 427 18.36 -16.47 5.82
N LEU A 428 19.22 -16.44 6.84
CA LEU A 428 19.53 -17.63 7.63
C LEU A 428 19.48 -17.36 9.13
N GLY A 429 18.58 -16.46 9.55
CA GLY A 429 18.39 -16.16 10.95
C GLY A 429 18.79 -14.74 11.30
N GLY A 430 19.41 -14.05 10.35
CA GLY A 430 19.83 -12.68 10.60
C GLY A 430 18.66 -11.73 10.68
N GLY A 431 17.55 -12.11 10.05
CA GLY A 431 16.43 -11.22 9.82
C GLY A 431 15.44 -11.08 10.96
N HIS A 432 15.96 -10.89 12.17
CA HIS A 432 15.14 -10.79 13.37
C HIS A 432 14.12 -9.66 13.28
N GLY A 433 14.56 -8.50 12.80
CA GLY A 433 13.69 -7.37 12.57
C GLY A 433 12.51 -7.70 11.68
N VAL A 434 12.75 -8.33 10.54
CA VAL A 434 11.65 -8.74 9.67
C VAL A 434 10.66 -9.63 10.43
N GLU A 435 11.19 -10.62 11.15
CA GLU A 435 10.34 -11.55 11.87
C GLU A 435 9.42 -10.88 12.90
N LEU A 436 9.93 -9.85 13.57
CA LEU A 436 9.22 -9.37 14.77
C LEU A 436 8.68 -7.94 14.73
N ASN A 437 9.18 -7.11 13.81
CA ASN A 437 8.85 -5.70 13.85
C ASN A 437 7.54 -5.32 13.19
N GLN A 438 6.48 -6.06 13.48
CA GLN A 438 5.19 -5.70 12.92
C GLN A 438 4.76 -4.32 13.42
N ARG A 439 4.24 -3.51 12.51
CA ARG A 439 3.72 -2.20 12.87
C ARG A 439 2.35 -2.05 12.25
N TYR A 440 1.31 -2.16 13.06
CA TYR A 440 -0.04 -2.12 12.54
C TYR A 440 -0.61 -0.71 12.56
N VAL A 441 -1.29 -0.37 11.48
CA VAL A 441 -2.01 0.88 11.36
C VAL A 441 -3.37 0.49 10.81
N SER A 442 -4.42 0.71 11.58
CA SER A 442 -5.78 0.32 11.18
C SER A 442 -6.78 0.86 12.18
N ARG A 443 -8.06 0.56 11.97
CA ARG A 443 -9.10 0.92 12.93
C ARG A 443 -9.07 0.03 14.16
N ALA A 444 -8.30 -1.05 14.12
CA ALA A 444 -8.21 -1.95 15.27
C ALA A 444 -7.04 -1.59 16.17
N VAL A 445 -6.42 -0.46 15.85
CA VAL A 445 -5.36 0.11 16.66
C VAL A 445 -5.67 1.57 16.92
N PHE A 446 -5.81 1.94 18.20
CA PHE A 446 -6.20 3.28 18.58
C PHE A 446 -4.95 4.11 18.85
N PRO A 447 -4.68 5.12 18.00
CA PRO A 447 -3.45 5.93 18.14
C PRO A 447 -3.43 6.68 19.47
N ASP A 448 -2.25 6.75 20.09
CA ASP A 448 -2.13 7.50 21.34
C ASP A 448 -1.65 8.92 21.12
N GLY A 449 -1.34 9.26 19.86
CA GLY A 449 -1.01 10.63 19.50
C GLY A 449 0.48 10.86 19.40
N THR A 450 1.28 9.89 19.85
CA THR A 450 2.73 10.00 19.69
C THR A 450 3.13 9.77 18.22
N PRO A 451 4.22 10.40 17.78
CA PRO A 451 4.77 10.10 16.46
C PRO A 451 5.43 8.72 16.46
N ASP A 452 5.62 8.15 15.28
CA ASP A 452 6.36 6.91 15.13
C ASP A 452 7.86 7.13 15.42
N PRO A 453 8.39 6.48 16.46
CA PRO A 453 9.79 6.71 16.85
C PRO A 453 10.75 6.12 15.82
N GLY A 454 10.25 5.21 14.99
CA GLY A 454 11.09 4.59 14.00
C GLY A 454 12.02 3.56 14.63
N PHE A 455 13.10 3.23 13.94
CA PHE A 455 14.04 2.21 14.42
C PHE A 455 15.44 2.78 14.54
N VAL A 456 16.08 2.56 15.68
CA VAL A 456 17.43 3.04 15.94
C VAL A 456 18.41 2.31 15.03
N ARG A 457 18.29 0.98 14.94
CA ARG A 457 19.15 0.19 14.07
C ARG A 457 18.33 -0.40 12.93
N ASP A 458 19.01 -1.06 12.00
CA ASP A 458 18.37 -1.58 10.80
C ASP A 458 17.14 -2.42 11.14
N GLN A 459 16.00 -2.05 10.58
CA GLN A 459 14.73 -2.64 11.01
C GLN A 459 14.47 -4.03 10.44
N GLU A 460 15.34 -4.50 9.55
CA GLU A 460 15.26 -5.87 9.08
C GLU A 460 16.11 -6.80 9.96
N PHE A 461 17.29 -6.31 10.37
CA PHE A 461 18.20 -7.17 11.13
C PHE A 461 17.83 -7.23 12.60
N PHE A 462 17.32 -6.10 13.10
CA PHE A 462 17.14 -5.96 14.53
C PHE A 462 15.70 -5.70 14.94
N TYR A 463 15.24 -6.50 15.90
CA TYR A 463 13.97 -6.25 16.54
C TYR A 463 14.06 -4.99 17.37
N GLN A 464 13.06 -4.11 17.29
CA GLN A 464 12.98 -3.04 18.26
C GLN A 464 11.67 -3.10 19.00
N ALA A 465 11.76 -3.26 20.32
CA ALA A 465 10.56 -3.33 21.14
C ALA A 465 9.88 -1.96 21.17
N SER A 466 8.56 -1.97 21.24
CA SER A 466 7.81 -0.72 21.32
C SER A 466 6.50 -0.97 22.04
N THR A 467 6.10 -0.07 22.92
CA THR A 467 4.75 -0.22 23.47
C THR A 467 3.75 0.75 22.83
N ARG A 468 4.13 1.35 21.73
CA ARG A 468 3.23 2.25 21.03
C ARG A 468 2.11 1.44 20.39
N PRO A 469 0.86 1.92 20.44
CA PRO A 469 -0.20 1.11 19.80
C PRO A 469 0.16 0.70 18.38
N GLY A 470 -0.12 -0.55 18.04
CA GLY A 470 0.21 -1.08 16.72
C GLY A 470 1.41 -1.98 16.77
N ALA A 471 2.14 -1.95 17.88
CA ALA A 471 3.25 -2.87 18.04
C ALA A 471 2.89 -4.07 18.93
N HIS A 472 3.62 -5.15 18.75
CA HIS A 472 3.49 -6.33 19.60
C HIS A 472 3.90 -5.97 21.02
N LEU A 473 3.12 -6.43 22.00
CA LEU A 473 3.48 -6.26 23.39
C LEU A 473 4.89 -6.81 23.59
N PRO A 474 5.77 -6.01 24.22
CA PRO A 474 7.12 -6.51 24.46
C PRO A 474 7.15 -7.60 25.54
N HIS A 475 8.06 -8.54 25.37
CA HIS A 475 8.38 -9.55 26.37
C HIS A 475 9.36 -9.04 27.41
N VAL A 476 8.99 -9.16 28.69
CA VAL A 476 9.96 -9.12 29.78
C VAL A 476 9.51 -10.16 30.77
N TRP A 477 10.40 -10.55 31.67
CA TRP A 477 10.04 -11.46 32.74
C TRP A 477 9.48 -10.73 33.95
N LEU A 478 8.35 -11.23 34.44
CA LEU A 478 7.82 -10.84 35.72
C LEU A 478 7.93 -12.07 36.57
N THR A 479 7.43 -12.02 37.80
CA THR A 479 7.23 -13.25 38.54
C THR A 479 5.81 -13.39 39.01
N GLU A 480 5.43 -14.64 39.19
CA GLU A 480 4.16 -15.04 39.77
C GLU A 480 4.57 -16.15 40.74
N ASN A 481 4.40 -15.90 42.05
CA ASN A 481 4.91 -16.79 43.09
C ASN A 481 6.42 -16.95 42.94
N GLN A 482 7.09 -15.82 42.72
CA GLN A 482 8.55 -15.76 42.57
C GLN A 482 9.08 -16.65 41.44
N ARG A 483 8.18 -17.10 40.57
CA ARG A 483 8.54 -17.93 39.43
C ARG A 483 8.32 -17.10 38.16
N ARG A 484 9.25 -17.23 37.21
CA ARG A 484 9.28 -16.37 36.03
C ARG A 484 8.06 -16.51 35.12
N ILE A 485 7.45 -15.38 34.77
CA ILE A 485 6.34 -15.37 33.85
C ILE A 485 6.52 -14.21 32.85
N SER A 486 6.22 -14.46 31.58
CA SER A 486 6.34 -13.42 30.58
C SER A 486 5.12 -12.51 30.61
N THR A 487 5.32 -11.23 30.30
CA THR A 487 4.21 -10.32 30.04
C THR A 487 3.20 -10.93 29.06
N LEU A 488 3.70 -11.66 28.07
CA LEU A 488 2.84 -12.35 27.11
C LEU A 488 1.90 -13.37 27.76
N ASP A 489 2.37 -14.06 28.81
CA ASP A 489 1.57 -15.06 29.52
C ASP A 489 0.45 -14.39 30.33
N LEU A 490 0.55 -13.08 30.54
CA LEU A 490 -0.54 -12.36 31.20
C LEU A 490 -1.68 -12.11 30.23
N CYS A 491 -1.37 -12.20 28.94
CA CYS A 491 -2.29 -11.73 27.91
C CYS A 491 -2.77 -12.84 26.99
N GLY A 492 -3.49 -12.45 25.94
CA GLY A 492 -3.95 -13.44 24.96
C GLY A 492 -5.16 -14.23 25.45
N LYS A 493 -5.19 -15.52 25.15
CA LYS A 493 -6.32 -16.39 25.45
C LYS A 493 -7.65 -15.85 24.94
N GLY A 494 -7.64 -15.30 23.73
CA GLY A 494 -8.86 -14.82 23.11
C GLY A 494 -9.53 -13.61 23.72
N ARG A 495 -8.81 -12.88 24.56
CA ARG A 495 -9.41 -11.71 25.23
C ARG A 495 -8.46 -10.54 25.23
N PHE A 496 -9.02 -9.36 25.50
CA PHE A 496 -8.22 -8.18 25.72
C PHE A 496 -7.68 -8.21 27.14
N THR A 497 -6.48 -7.66 27.33
CA THR A 497 -5.88 -7.54 28.64
C THR A 497 -5.36 -6.11 28.84
N LEU A 498 -5.58 -5.55 30.03
CA LEU A 498 -5.05 -4.24 30.37
C LEU A 498 -3.94 -4.37 31.42
N LEU A 499 -2.74 -3.91 31.09
CA LEU A 499 -1.62 -3.97 32.03
C LEU A 499 -1.33 -2.59 32.63
N THR A 500 -1.19 -2.55 33.95
CA THR A 500 -0.80 -1.33 34.63
C THR A 500 -0.05 -1.66 35.93
N GLY A 501 0.25 -0.63 36.72
CA GLY A 501 0.98 -0.79 37.97
C GLY A 501 0.12 -0.33 39.13
N LEU A 502 0.68 -0.38 40.34
CA LEU A 502 -0.07 -0.05 41.55
C LEU A 502 -0.77 1.31 41.52
N SER A 503 -0.07 2.32 41.03
CA SER A 503 -0.60 3.68 41.02
C SER A 503 -1.66 3.83 39.96
N GLY A 504 -1.78 2.82 39.10
CA GLY A 504 -2.84 2.77 38.11
C GLY A 504 -4.05 1.97 38.56
N ALA A 505 -4.25 1.87 39.89
CA ALA A 505 -5.37 1.11 40.44
C ALA A 505 -6.75 1.44 39.84
N ALA A 506 -6.97 2.71 39.48
CA ALA A 506 -8.25 3.15 38.91
C ALA A 506 -8.61 2.43 37.63
N TRP A 507 -7.61 1.88 36.95
CA TRP A 507 -7.85 1.14 35.72
C TRP A 507 -8.74 -0.07 35.92
N LYS A 508 -8.68 -0.69 37.09
CA LYS A 508 -9.53 -1.85 37.37
C LYS A 508 -11.01 -1.52 37.25
N HIS A 509 -11.42 -0.43 37.90
CA HIS A 509 -12.80 0.02 37.89
C HIS A 509 -13.20 0.44 36.47
N GLU A 510 -12.35 1.25 35.84
CA GLU A 510 -12.64 1.77 34.51
C GLU A 510 -12.84 0.65 33.50
N ALA A 511 -11.94 -0.33 33.52
CA ALA A 511 -12.08 -1.47 32.64
C ALA A 511 -13.35 -2.29 32.92
N GLU A 512 -13.79 -2.34 34.18
CA GLU A 512 -15.00 -3.06 34.53
C GLU A 512 -16.24 -2.38 33.95
N GLN A 513 -16.24 -1.05 33.97
CA GLN A 513 -17.37 -0.29 33.45
C GLN A 513 -17.43 -0.46 31.95
N VAL A 514 -16.28 -0.36 31.30
CA VAL A 514 -16.18 -0.52 29.86
C VAL A 514 -16.59 -1.95 29.47
N SER A 515 -16.14 -2.93 30.24
CA SER A 515 -16.40 -4.34 29.96
C SER A 515 -17.90 -4.69 29.99
N GLN A 516 -18.60 -4.22 31.03
CA GLN A 516 -19.99 -4.58 31.19
C GLN A 516 -20.89 -3.80 30.23
N SER A 517 -20.53 -2.55 29.95
CA SER A 517 -21.30 -1.74 29.00
C SER A 517 -21.13 -2.21 27.56
N LEU A 518 -19.92 -2.62 27.19
CA LEU A 518 -19.67 -3.10 25.83
C LEU A 518 -19.86 -4.60 25.67
N GLY A 519 -20.11 -5.28 26.78
CA GLY A 519 -20.26 -6.72 26.78
C GLY A 519 -19.06 -7.42 26.20
N ILE A 520 -17.86 -7.02 26.65
CA ILE A 520 -16.64 -7.67 26.24
C ILE A 520 -15.68 -7.89 27.41
N GLU A 521 -14.98 -9.02 27.41
CA GLU A 521 -14.05 -9.35 28.48
C GLU A 521 -12.80 -8.48 28.45
N LEU A 522 -12.50 -7.86 29.58
CA LEU A 522 -11.30 -7.05 29.72
C LEU A 522 -10.58 -7.43 31.01
N LYS A 523 -9.52 -8.22 30.88
CA LYS A 523 -8.76 -8.67 32.06
C LYS A 523 -7.72 -7.63 32.45
N VAL A 524 -7.82 -7.13 33.67
CA VAL A 524 -6.84 -6.17 34.17
C VAL A 524 -5.79 -6.84 35.04
N CYS A 525 -4.53 -6.58 34.75
CA CYS A 525 -3.43 -7.05 35.59
C CYS A 525 -2.71 -5.84 36.18
N VAL A 526 -2.69 -5.74 37.50
CA VAL A 526 -1.93 -4.69 38.17
C VAL A 526 -0.63 -5.28 38.65
N ILE A 527 0.44 -4.93 37.95
CA ILE A 527 1.76 -5.47 38.21
C ILE A 527 2.46 -4.64 39.28
N GLY A 528 2.97 -5.29 40.33
CA GLY A 528 3.65 -4.57 41.39
C GLY A 528 3.92 -5.42 42.62
N PRO A 529 4.63 -4.85 43.60
CA PRO A 529 4.99 -5.58 44.82
C PRO A 529 3.71 -6.03 45.53
N GLY A 530 3.69 -7.27 46.01
CA GLY A 530 2.53 -7.78 46.72
C GLY A 530 1.34 -8.14 45.84
N GLN A 531 1.46 -7.95 44.54
CA GLN A 531 0.38 -8.27 43.62
C GLN A 531 0.52 -9.67 43.05
N GLU A 532 -0.50 -10.09 42.30
CA GLU A 532 -0.48 -11.38 41.61
C GLU A 532 0.76 -11.53 40.74
N PHE A 533 1.05 -10.51 39.93
CA PHE A 533 2.27 -10.49 39.15
C PHE A 533 3.16 -9.35 39.64
N VAL A 534 4.46 -9.58 39.64
CA VAL A 534 5.40 -8.68 40.28
C VAL A 534 6.51 -8.31 39.31
N ASP A 535 6.84 -7.03 39.24
CA ASP A 535 7.94 -6.54 38.42
C ASP A 535 9.28 -6.84 39.11
N THR A 536 9.51 -8.12 39.40
CA THR A 536 10.63 -8.59 40.22
C THR A 536 12.01 -8.11 39.76
N TYR A 537 12.20 -7.97 38.44
CA TYR A 537 13.46 -7.50 37.90
C TYR A 537 13.44 -6.02 37.49
N GLY A 538 12.31 -5.37 37.70
CA GLY A 538 12.15 -3.99 37.26
C GLY A 538 12.09 -3.82 35.75
N GLU A 539 12.01 -4.93 35.03
CA GLU A 539 12.07 -4.88 33.56
C GLU A 539 10.79 -4.35 32.91
N TYR A 540 9.65 -4.51 33.58
CA TYR A 540 8.41 -3.96 33.05
C TYR A 540 8.44 -2.44 33.10
N ALA A 541 8.79 -1.89 34.27
CA ALA A 541 8.96 -0.44 34.38
C ALA A 541 9.93 0.04 33.30
N LYS A 542 10.95 -0.76 33.04
CA LYS A 542 11.96 -0.38 32.07
C LYS A 542 11.44 -0.38 30.63
N ILE A 543 10.64 -1.39 30.28
CA ILE A 543 10.18 -1.59 28.90
C ILE A 543 8.90 -0.82 28.52
N SER A 544 8.12 -0.42 29.53
CA SER A 544 6.74 0.02 29.27
C SER A 544 6.63 1.37 28.54
N GLU A 545 7.65 2.22 28.70
CA GLU A 545 7.69 3.56 28.09
C GLU A 545 6.70 4.56 28.69
N ILE A 546 6.00 4.16 29.74
CA ILE A 546 5.05 5.04 30.42
C ILE A 546 5.24 4.95 31.92
N GLY A 547 4.70 5.94 32.63
CA GLY A 547 4.67 5.91 34.07
C GLY A 547 3.94 4.68 34.58
N GLU A 548 4.11 4.40 35.86
CA GLU A 548 3.52 3.24 36.49
C GLU A 548 1.99 3.26 36.39
N SER A 549 1.40 4.46 36.40
CA SER A 549 -0.05 4.58 36.39
C SER A 549 -0.63 4.52 35.00
N GLY A 550 0.25 4.43 33.99
CA GLY A 550 -0.18 4.29 32.61
C GLY A 550 -0.72 2.89 32.37
N ALA A 551 -1.32 2.67 31.21
CA ALA A 551 -1.89 1.37 30.90
C ALA A 551 -1.68 0.96 29.45
N LEU A 552 -1.49 -0.34 29.25
CA LEU A 552 -1.40 -0.90 27.93
C LEU A 552 -2.55 -1.87 27.71
N LEU A 553 -3.31 -1.63 26.66
CA LEU A 553 -4.39 -2.55 26.27
C LEU A 553 -3.89 -3.46 25.17
N VAL A 554 -3.93 -4.77 25.43
CA VAL A 554 -3.36 -5.75 24.54
C VAL A 554 -4.46 -6.59 23.91
N ARG A 555 -4.43 -6.74 22.59
CA ARG A 555 -5.41 -7.52 21.85
C ARG A 555 -5.22 -9.01 22.08
N PRO A 556 -6.22 -9.82 21.71
CA PRO A 556 -6.05 -11.26 21.79
C PRO A 556 -4.86 -11.75 20.98
N ASP A 557 -4.46 -11.02 19.95
CA ASP A 557 -3.31 -11.41 19.13
C ASP A 557 -1.95 -10.83 19.60
N MET A 558 -1.95 -10.27 20.82
CA MET A 558 -0.76 -9.77 21.52
C MET A 558 -0.29 -8.40 21.07
N PHE A 559 -1.06 -7.75 20.22
CA PHE A 559 -0.69 -6.41 19.79
C PHE A 559 -1.31 -5.37 20.71
N ILE A 560 -0.53 -4.33 21.00
CA ILE A 560 -1.04 -3.22 21.79
C ILE A 560 -2.00 -2.41 20.91
N ALA A 561 -3.18 -2.12 21.45
CA ALA A 561 -4.19 -1.40 20.68
C ALA A 561 -4.53 -0.05 21.32
N PHE A 562 -4.03 0.17 22.53
CA PHE A 562 -4.30 1.41 23.26
C PHE A 562 -3.23 1.61 24.32
N ARG A 563 -2.77 2.84 24.47
CA ARG A 563 -1.79 3.16 25.49
C ARG A 563 -2.14 4.49 26.16
N ALA A 564 -2.22 4.47 27.49
CA ALA A 564 -2.46 5.70 28.25
C ALA A 564 -1.22 5.99 29.07
N LYS A 565 -0.86 7.26 29.22
CA LYS A 565 0.38 7.59 29.89
C LYS A 565 0.24 7.64 31.41
N ASP A 566 -0.99 7.80 31.88
CA ASP A 566 -1.23 7.88 33.32
C ASP A 566 -2.65 7.49 33.67
N ALA A 567 -3.00 7.65 34.94
CA ALA A 567 -4.33 7.31 35.40
C ALA A 567 -5.16 8.55 35.70
N SER A 568 -4.85 9.65 35.01
CA SER A 568 -5.63 10.89 35.13
C SER A 568 -7.06 10.66 34.64
N ARG A 569 -7.94 11.60 34.98
CA ARG A 569 -9.33 11.53 34.58
C ARG A 569 -9.46 11.41 33.06
N GLU A 570 -8.75 12.25 32.34
CA GLU A 570 -8.78 12.22 30.87
C GLU A 570 -8.21 10.92 30.32
N GLY A 571 -7.14 10.43 30.95
CA GLY A 571 -6.56 9.15 30.59
C GLY A 571 -7.58 8.04 30.70
N LEU A 572 -8.18 7.92 31.89
CA LEU A 572 -9.17 6.88 32.16
C LEU A 572 -10.36 6.93 31.19
N GLU A 573 -10.87 8.13 30.92
CA GLU A 573 -12.06 8.29 30.09
C GLU A 573 -11.84 7.80 28.66
N GLN A 574 -10.61 7.86 28.20
CA GLN A 574 -10.31 7.49 26.82
C GLN A 574 -10.40 5.98 26.56
N LEU A 575 -10.38 5.18 27.61
CA LEU A 575 -10.44 3.73 27.43
C LEU A 575 -11.72 3.28 26.72
N ASN A 576 -12.86 3.76 27.19
CA ASN A 576 -14.13 3.41 26.54
C ASN A 576 -14.17 3.88 25.09
N VAL A 577 -13.60 5.05 24.81
CA VAL A 577 -13.54 5.57 23.45
C VAL A 577 -12.71 4.65 22.54
N ALA A 578 -11.55 4.23 23.04
CA ALA A 578 -10.65 3.39 22.27
C ALA A 578 -11.27 2.02 21.97
N VAL A 579 -11.86 1.41 23.00
CA VAL A 579 -12.45 0.07 22.85
C VAL A 579 -13.62 0.06 21.88
N LYS A 580 -14.55 1.01 22.03
CA LYS A 580 -15.62 1.20 21.05
C LYS A 580 -15.05 1.38 19.64
N SER A 581 -14.03 2.21 19.51
CA SER A 581 -13.40 2.47 18.22
C SER A 581 -12.83 1.18 17.61
N ILE A 582 -12.03 0.46 18.39
CA ILE A 582 -11.51 -0.84 17.95
C ILE A 582 -12.61 -1.80 17.52
N LEU A 583 -13.71 -1.84 18.27
CA LEU A 583 -14.84 -2.72 17.96
C LEU A 583 -15.75 -2.24 16.81
N GLY A 584 -15.54 -1.00 16.37
CA GLY A 584 -16.38 -0.44 15.32
C GLY A 584 -17.77 0.00 15.78
N ARG A 585 -17.90 0.33 17.07
CA ARG A 585 -19.21 0.66 17.63
C ARG A 585 -19.31 2.12 18.09
N ALA B 5 15.39 34.27 8.65
CA ALA B 5 14.04 34.14 8.14
C ALA B 5 13.26 33.05 8.85
N GLU B 6 11.96 33.30 9.05
CA GLU B 6 11.12 32.40 9.83
C GLU B 6 9.73 32.33 9.22
N THR B 7 9.19 31.13 9.13
CA THR B 7 7.85 30.96 8.57
C THR B 7 7.22 29.69 9.13
N ASP B 8 5.93 29.48 8.90
CA ASP B 8 5.32 28.27 9.39
C ASP B 8 5.58 27.11 8.44
N VAL B 9 5.38 27.37 7.15
CA VAL B 9 5.59 26.35 6.15
C VAL B 9 6.50 26.87 5.06
N LEU B 10 7.61 26.19 4.85
CA LEU B 10 8.48 26.43 3.71
C LEU B 10 8.05 25.51 2.57
N ILE B 11 7.62 26.12 1.48
CA ILE B 11 7.16 25.38 0.30
C ILE B 11 8.28 25.40 -0.73
N VAL B 12 8.86 24.25 -1.01
CA VAL B 12 9.96 24.20 -1.96
C VAL B 12 9.42 23.87 -3.32
N GLY B 13 9.33 24.90 -4.17
CA GLY B 13 8.70 24.73 -5.46
C GLY B 13 7.48 25.64 -5.65
N ALA B 14 7.41 26.23 -6.83
CA ALA B 14 6.31 27.12 -7.18
C ALA B 14 5.59 26.64 -8.43
N GLY B 15 5.65 25.34 -8.70
CA GLY B 15 4.85 24.75 -9.76
C GLY B 15 3.42 24.67 -9.28
N PRO B 16 2.55 23.98 -10.02
CA PRO B 16 1.15 23.82 -9.65
C PRO B 16 0.95 23.35 -8.20
N ALA B 17 1.68 22.33 -7.76
CA ALA B 17 1.53 21.86 -6.39
C ALA B 17 1.96 22.91 -5.34
N GLY B 18 3.15 23.47 -5.51
CA GLY B 18 3.62 24.48 -4.56
C GLY B 18 2.74 25.72 -4.54
N ALA B 19 2.39 26.23 -5.72
CA ALA B 19 1.61 27.45 -5.81
C ALA B 19 0.23 27.26 -5.18
N MET B 20 -0.37 26.10 -5.42
CA MET B 20 -1.69 25.83 -4.87
C MET B 20 -1.60 25.71 -3.36
N SER B 21 -0.54 25.06 -2.87
CA SER B 21 -0.30 24.97 -1.43
C SER B 21 -0.16 26.35 -0.80
N ALA B 22 0.63 27.21 -1.42
CA ALA B 22 0.82 28.59 -0.91
C ALA B 22 -0.50 29.36 -0.85
N THR B 23 -1.26 29.31 -1.94
CA THR B 23 -2.57 29.97 -2.00
C THR B 23 -3.55 29.48 -0.91
N LEU B 24 -3.70 28.16 -0.78
CA LEU B 24 -4.57 27.59 0.24
C LEU B 24 -4.09 27.94 1.64
N LEU B 25 -2.80 27.73 1.90
CA LEU B 25 -2.24 28.08 3.21
C LEU B 25 -2.47 29.56 3.53
N ALA B 26 -2.25 30.44 2.55
CA ALA B 26 -2.47 31.87 2.80
C ALA B 26 -3.96 32.16 3.07
N SER B 27 -4.83 31.50 2.32
CA SER B 27 -6.27 31.69 2.53
C SER B 27 -6.68 31.21 3.92
N LEU B 28 -5.95 30.24 4.46
CA LEU B 28 -6.25 29.73 5.80
C LEU B 28 -5.54 30.51 6.89
N GLY B 29 -4.86 31.60 6.51
CA GLY B 29 -4.16 32.43 7.46
C GLY B 29 -2.87 31.82 7.99
N ILE B 30 -2.24 30.97 7.19
CA ILE B 30 -0.99 30.35 7.61
C ILE B 30 0.16 31.02 6.90
N ARG B 31 1.17 31.43 7.67
CA ARG B 31 2.35 32.07 7.10
C ARG B 31 3.20 31.07 6.32
N SER B 32 3.42 31.36 5.04
CA SER B 32 4.25 30.49 4.22
C SER B 32 5.28 31.24 3.40
N LEU B 33 6.40 30.58 3.15
CA LEU B 33 7.41 31.07 2.22
C LEU B 33 7.56 30.07 1.08
N MET B 34 7.13 30.46 -0.11
CA MET B 34 7.25 29.60 -1.27
C MET B 34 8.43 30.03 -2.12
N ILE B 35 9.36 29.10 -2.35
CA ILE B 35 10.52 29.43 -3.13
C ILE B 35 10.57 28.67 -4.44
N ASN B 36 11.37 29.22 -5.35
CA ASN B 36 11.55 28.66 -6.68
C ASN B 36 12.94 29.03 -7.12
N ARG B 37 13.64 28.03 -7.64
CA ARG B 37 15.01 28.18 -8.08
C ARG B 37 15.12 29.14 -9.25
N TRP B 38 14.15 29.07 -10.16
CA TRP B 38 14.24 29.81 -11.41
C TRP B 38 13.65 31.22 -11.34
N ARG B 39 13.83 31.99 -12.41
CA ARG B 39 13.42 33.38 -12.43
C ARG B 39 11.94 33.58 -12.69
N SER B 40 11.31 32.60 -13.33
CA SER B 40 9.92 32.75 -13.72
C SER B 40 9.11 31.48 -13.50
N THR B 41 7.82 31.60 -13.82
CA THR B 41 6.99 30.43 -13.99
C THR B 41 7.44 29.67 -15.24
N SER B 42 6.95 28.45 -15.41
CA SER B 42 7.47 27.58 -16.46
C SER B 42 7.23 28.17 -17.84
N PRO B 43 8.30 28.27 -18.65
CA PRO B 43 8.27 28.91 -19.96
C PRO B 43 7.43 28.13 -20.96
N GLY B 44 7.34 26.82 -20.75
CA GLY B 44 6.64 25.95 -21.68
C GLY B 44 5.19 25.73 -21.34
N PRO B 45 4.38 25.41 -22.36
CA PRO B 45 2.98 25.04 -22.15
C PRO B 45 2.86 23.83 -21.22
N ARG B 46 3.69 22.80 -21.43
CA ARG B 46 3.70 21.61 -20.57
C ARG B 46 2.30 21.03 -20.37
N SER B 47 1.92 20.69 -19.15
CA SER B 47 0.61 20.11 -18.92
C SER B 47 -0.47 21.12 -19.29
N HIS B 48 -1.57 20.66 -19.88
CA HIS B 48 -2.59 21.58 -20.39
C HIS B 48 -4.03 21.11 -20.14
N ILE B 49 -4.23 19.82 -19.86
CA ILE B 49 -5.58 19.34 -19.61
C ILE B 49 -5.96 19.62 -18.17
N ILE B 50 -6.99 20.43 -17.96
CA ILE B 50 -7.43 20.70 -16.59
C ILE B 50 -8.69 19.91 -16.31
N ASN B 51 -8.63 18.88 -15.46
CA ASN B 51 -9.82 18.10 -15.18
C ASN B 51 -10.75 18.73 -14.15
N GLN B 52 -11.90 18.10 -13.92
CA GLN B 52 -12.96 18.70 -13.14
C GLN B 52 -12.58 18.92 -11.69
N ARG B 53 -11.75 18.05 -11.15
CA ARG B 53 -11.29 18.23 -9.78
C ARG B 53 -10.46 19.49 -9.60
N THR B 54 -9.56 19.76 -10.54
CA THR B 54 -8.78 20.99 -10.45
C THR B 54 -9.69 22.21 -10.62
N MET B 55 -10.65 22.12 -11.53
CA MET B 55 -11.56 23.24 -11.78
C MET B 55 -12.43 23.49 -10.53
N GLU B 56 -12.87 22.40 -9.90
CA GLU B 56 -13.59 22.52 -8.63
C GLU B 56 -12.75 23.23 -7.59
N ILE B 57 -11.46 22.91 -7.54
CA ILE B 57 -10.62 23.55 -6.55
C ILE B 57 -10.48 25.02 -6.90
N LEU B 58 -10.28 25.31 -8.18
CA LEU B 58 -10.26 26.71 -8.62
C LEU B 58 -11.58 27.40 -8.28
N ARG B 59 -12.68 26.69 -8.49
CA ARG B 59 -14.01 27.20 -8.14
C ARG B 59 -14.09 27.59 -6.67
N ASP B 60 -13.59 26.71 -5.80
CA ASP B 60 -13.65 26.91 -4.35
C ASP B 60 -12.90 28.17 -3.92
N ILE B 61 -11.74 28.40 -4.51
CA ILE B 61 -10.88 29.53 -4.12
C ILE B 61 -11.09 30.75 -5.01
N GLY B 62 -12.03 30.64 -5.95
CA GLY B 62 -12.53 31.80 -6.67
C GLY B 62 -11.78 32.16 -7.93
N LEU B 63 -11.08 31.19 -8.49
CA LEU B 63 -10.26 31.41 -9.68
C LEU B 63 -10.83 30.70 -10.91
N GLU B 64 -11.95 30.03 -10.76
CA GLU B 64 -12.51 29.25 -11.87
C GLU B 64 -12.92 30.18 -13.03
N GLU B 65 -13.55 31.31 -12.72
CA GLU B 65 -13.95 32.24 -13.77
C GLU B 65 -12.78 32.78 -14.59
N SER B 66 -11.67 33.12 -13.92
CA SER B 66 -10.53 33.63 -14.66
C SER B 66 -9.87 32.49 -15.42
N ALA B 67 -9.91 31.30 -14.84
CA ALA B 67 -9.36 30.14 -15.49
C ALA B 67 -10.10 29.88 -16.80
N LYS B 68 -11.44 29.87 -16.73
CA LYS B 68 -12.25 29.66 -17.92
C LYS B 68 -12.07 30.78 -18.95
N SER B 69 -11.86 32.02 -18.49
CA SER B 69 -11.63 33.14 -19.42
C SER B 69 -10.45 32.86 -20.32
N LEU B 70 -9.41 32.24 -19.77
CA LEU B 70 -8.17 32.03 -20.51
C LEU B 70 -8.15 30.70 -21.24
N ALA B 71 -8.79 29.70 -20.65
CA ALA B 71 -8.73 28.35 -21.20
C ALA B 71 -9.56 28.15 -22.46
N VAL B 72 -9.20 27.14 -23.26
CA VAL B 72 -10.03 26.71 -24.36
C VAL B 72 -11.09 25.76 -23.81
N PRO B 73 -12.36 25.97 -24.16
CA PRO B 73 -13.43 25.16 -23.56
C PRO B 73 -13.54 23.75 -24.13
N LYS B 74 -14.17 22.87 -23.37
CA LYS B 74 -14.33 21.46 -23.72
C LYS B 74 -14.81 21.22 -25.16
N GLU B 75 -15.75 22.04 -25.65
CA GLU B 75 -16.29 21.80 -26.98
C GLU B 75 -15.26 22.00 -28.10
N TYR B 76 -14.09 22.55 -27.77
CA TYR B 76 -13.05 22.75 -28.76
C TYR B 76 -11.86 21.83 -28.53
N MET B 77 -12.10 20.77 -27.75
CA MET B 77 -11.06 19.80 -27.39
C MET B 77 -11.33 18.40 -27.96
N GLY B 78 -12.53 18.20 -28.50
CA GLY B 78 -13.04 16.85 -28.77
C GLY B 78 -12.57 16.10 -30.02
N GLU B 79 -12.21 16.81 -31.08
CA GLU B 79 -11.77 16.16 -32.31
C GLU B 79 -10.29 15.82 -32.30
N HIS B 80 -9.97 14.59 -31.93
CA HIS B 80 -8.61 14.07 -31.96
C HIS B 80 -8.45 13.50 -33.34
N VAL B 81 -7.39 13.81 -34.10
CA VAL B 81 -7.46 13.18 -35.41
C VAL B 81 -6.26 12.27 -35.53
N TYR B 82 -6.45 11.05 -36.05
CA TYR B 82 -5.30 10.21 -36.38
C TYR B 82 -5.08 10.31 -37.88
N ALA B 83 -3.88 10.69 -38.31
CA ALA B 83 -3.64 10.95 -39.72
C ALA B 83 -2.18 10.71 -40.07
N THR B 84 -1.86 10.80 -41.36
CA THR B 84 -0.47 10.69 -41.80
C THR B 84 0.18 12.00 -41.56
N SER B 85 -0.57 13.06 -41.86
CA SER B 85 -0.11 14.41 -41.62
C SER B 85 -1.34 15.28 -41.56
N LEU B 86 -1.12 16.51 -41.13
CA LEU B 86 -2.16 17.48 -40.99
C LEU B 86 -2.99 17.71 -42.24
N ALA B 87 -2.32 18.10 -43.32
CA ALA B 87 -3.03 18.38 -44.57
C ALA B 87 -3.28 17.11 -45.38
N GLY B 88 -2.94 15.96 -44.79
CA GLY B 88 -3.10 14.68 -45.48
C GLY B 88 -4.41 13.99 -45.15
N GLU B 89 -4.46 12.68 -45.40
CA GLU B 89 -5.66 11.89 -45.19
C GLU B 89 -5.73 11.33 -43.77
N GLU B 90 -6.91 11.41 -43.16
CA GLU B 90 -7.12 10.87 -41.83
C GLU B 90 -7.30 9.36 -41.83
N PHE B 91 -6.77 8.71 -40.80
CA PHE B 91 -7.13 7.32 -40.53
C PHE B 91 -8.53 7.31 -39.91
N GLY B 92 -8.83 8.34 -39.13
CA GLY B 92 -10.10 8.42 -38.43
C GLY B 92 -10.04 9.28 -37.18
N ARG B 93 -11.15 9.44 -36.47
CA ARG B 93 -11.18 10.40 -35.36
C ARG B 93 -11.86 9.83 -34.12
N ILE B 94 -11.35 10.19 -32.94
CA ILE B 94 -11.96 9.74 -31.69
C ILE B 94 -12.54 10.93 -30.93
N PRO B 95 -13.61 10.68 -30.19
CA PRO B 95 -14.32 11.73 -29.44
C PRO B 95 -13.65 11.98 -28.09
N ALA B 96 -12.39 12.38 -28.18
CA ALA B 96 -11.56 12.81 -27.04
C ALA B 96 -12.21 13.72 -26.02
N TRP B 97 -11.64 13.73 -24.81
CA TRP B 97 -12.06 14.61 -23.72
C TRP B 97 -13.58 14.61 -23.48
N ALA B 98 -14.12 13.39 -23.47
CA ALA B 98 -15.53 13.16 -23.16
C ALA B 98 -16.47 13.90 -24.11
N SER B 99 -16.13 13.94 -25.39
CA SER B 99 -16.92 14.69 -26.35
C SER B 99 -18.08 13.87 -26.94
N HIS B 100 -18.04 12.55 -26.78
CA HIS B 100 -19.18 11.73 -27.16
C HIS B 100 -20.36 12.14 -26.29
N PRO B 101 -21.55 12.30 -26.87
CA PRO B 101 -22.69 12.78 -26.08
C PRO B 101 -22.93 11.98 -24.80
N GLN B 102 -22.72 10.67 -24.83
CA GLN B 102 -22.85 9.88 -23.61
C GLN B 102 -21.76 10.24 -22.60
N ALA B 103 -20.52 10.27 -23.07
CA ALA B 103 -19.40 10.68 -22.22
C ALA B 103 -19.62 12.09 -21.68
N HIS B 104 -20.15 12.98 -22.52
CA HIS B 104 -20.44 14.33 -22.08
C HIS B 104 -21.49 14.38 -20.96
N ALA B 105 -22.52 13.54 -21.07
CA ALA B 105 -23.55 13.47 -20.03
C ALA B 105 -22.91 13.07 -18.69
N GLU B 106 -22.17 11.97 -18.73
CA GLU B 106 -21.48 11.47 -17.55
C GLU B 106 -20.56 12.53 -16.95
N HIS B 107 -19.94 13.31 -17.83
CA HIS B 107 -19.04 14.39 -17.43
C HIS B 107 -19.78 15.48 -16.66
N GLU B 108 -20.84 15.99 -17.29
CA GLU B 108 -21.69 17.02 -16.75
C GLU B 108 -22.35 16.65 -15.41
N LEU B 109 -22.84 15.43 -15.32
CA LEU B 109 -23.47 14.94 -14.11
C LEU B 109 -22.50 14.87 -12.93
N ALA B 110 -21.22 14.70 -13.21
CA ALA B 110 -20.24 14.41 -12.17
C ALA B 110 -19.81 15.64 -11.36
N SER B 111 -19.94 16.82 -11.95
CA SER B 111 -19.28 18.00 -11.38
C SER B 111 -19.96 19.23 -11.95
N PRO B 112 -19.95 20.36 -11.21
CA PRO B 112 -20.39 21.62 -11.80
C PRO B 112 -19.35 22.15 -12.79
N SER B 113 -18.14 21.60 -12.71
CA SER B 113 -17.04 22.04 -13.54
C SER B 113 -16.85 21.16 -14.78
N ARG B 114 -16.00 21.61 -15.69
CA ARG B 114 -15.79 20.96 -16.97
C ARG B 114 -14.33 20.97 -17.36
N TYR B 115 -13.92 19.97 -18.14
CA TYR B 115 -12.62 19.95 -18.80
C TYR B 115 -12.37 21.28 -19.51
N CYS B 116 -11.14 21.74 -19.47
CA CYS B 116 -10.73 22.81 -20.37
C CYS B 116 -9.25 22.62 -20.66
N ASP B 117 -8.75 23.37 -21.63
CA ASP B 117 -7.35 23.28 -21.95
C ASP B 117 -6.71 24.60 -21.51
N LEU B 118 -5.84 24.51 -20.52
CA LEU B 118 -5.16 25.67 -19.96
C LEU B 118 -3.69 25.36 -19.72
N PRO B 119 -2.82 25.71 -20.68
CA PRO B 119 -1.39 25.43 -20.52
C PRO B 119 -0.84 25.96 -19.22
N GLN B 120 0.07 25.20 -18.64
CA GLN B 120 0.78 25.62 -17.44
C GLN B 120 1.33 27.02 -17.57
N LEU B 121 1.81 27.36 -18.76
CA LEU B 121 2.34 28.69 -19.06
C LEU B 121 1.45 29.79 -18.47
N TYR B 122 0.14 29.53 -18.48
CA TYR B 122 -0.79 30.50 -17.94
C TYR B 122 -1.37 30.13 -16.57
N PHE B 123 -1.61 28.85 -16.34
CA PHE B 123 -2.12 28.40 -15.05
C PHE B 123 -1.19 28.84 -13.91
N GLU B 124 0.12 28.69 -14.12
CA GLU B 124 1.09 28.92 -13.05
C GLU B 124 1.11 30.34 -12.53
N PRO B 125 1.30 31.33 -13.42
CA PRO B 125 1.29 32.70 -12.87
C PRO B 125 -0.05 33.07 -12.23
N MET B 126 -1.15 32.49 -12.71
CA MET B 126 -2.45 32.82 -12.13
C MET B 126 -2.49 32.39 -10.65
N VAL B 127 -1.92 31.24 -10.33
CA VAL B 127 -1.91 30.75 -8.95
C VAL B 127 -0.81 31.39 -8.09
N VAL B 128 0.37 31.55 -8.66
CA VAL B 128 1.46 32.21 -7.94
C VAL B 128 1.04 33.61 -7.51
N SER B 129 0.40 34.37 -8.39
CA SER B 129 -0.04 35.71 -8.02
C SER B 129 -1.11 35.66 -6.95
N GLU B 130 -2.01 34.68 -7.04
CA GLU B 130 -3.07 34.59 -6.06
C GLU B 130 -2.50 34.25 -4.67
N ALA B 131 -1.46 33.45 -4.65
CA ALA B 131 -0.83 33.01 -3.40
C ALA B 131 -0.22 34.23 -2.72
N ALA B 132 0.47 35.06 -3.47
CA ALA B 132 1.06 36.26 -2.90
C ALA B 132 -0.04 37.23 -2.44
N LEU B 133 -1.08 37.41 -3.25
CA LEU B 133 -2.18 38.29 -2.86
C LEU B 133 -2.83 37.86 -1.56
N ARG B 134 -3.05 36.55 -1.42
CA ARG B 134 -3.69 36.02 -0.22
C ARG B 134 -2.82 35.98 1.04
N GLY B 135 -1.54 36.28 0.90
CA GLY B 135 -0.70 36.45 2.08
C GLY B 135 0.57 35.64 2.14
N ALA B 136 0.81 34.82 1.13
CA ALA B 136 2.01 34.02 1.07
C ALA B 136 3.21 34.86 0.61
N ASP B 137 4.37 34.60 1.19
CA ASP B 137 5.60 35.20 0.71
C ASP B 137 6.17 34.31 -0.40
N VAL B 138 6.48 34.92 -1.54
CA VAL B 138 6.90 34.17 -2.71
C VAL B 138 8.26 34.68 -3.14
N ARG B 139 9.21 33.78 -3.28
CA ARG B 139 10.57 34.17 -3.55
C ARG B 139 11.20 33.28 -4.62
N PHE B 140 11.32 33.82 -5.82
CA PHE B 140 11.94 33.11 -6.92
C PHE B 140 13.46 33.34 -6.89
N LEU B 141 14.19 32.77 -7.84
CA LEU B 141 15.66 32.81 -7.85
C LEU B 141 16.24 32.47 -6.48
N THR B 142 15.64 31.47 -5.85
CA THR B 142 16.04 31.06 -4.51
C THR B 142 16.01 29.55 -4.47
N GLU B 143 17.14 28.97 -4.10
CA GLU B 143 17.35 27.53 -4.24
C GLU B 143 17.47 26.82 -2.91
N TYR B 144 16.63 25.79 -2.74
CA TYR B 144 16.74 24.95 -1.57
C TYR B 144 17.99 24.09 -1.71
N LEU B 145 18.81 24.08 -0.67
CA LEU B 145 20.07 23.33 -0.70
C LEU B 145 20.00 22.11 0.22
N GLY B 146 19.30 22.24 1.33
CA GLY B 146 19.16 21.15 2.27
C GLY B 146 18.43 21.59 3.53
N HIS B 147 18.21 20.65 4.44
CA HIS B 147 17.63 21.00 5.74
C HIS B 147 18.02 20.00 6.82
N VAL B 148 17.89 20.42 8.06
CA VAL B 148 18.01 19.55 9.22
C VAL B 148 16.74 19.70 10.04
N GLU B 149 16.18 18.58 10.45
CA GLU B 149 14.97 18.57 11.25
C GLU B 149 15.31 18.29 12.69
N ASP B 150 14.66 19.01 13.61
CA ASP B 150 14.70 18.63 15.02
C ASP B 150 13.27 18.41 15.50
N GLN B 151 13.10 18.37 16.81
CA GLN B 151 11.79 18.08 17.38
C GLN B 151 10.76 19.19 17.12
N ASP B 152 11.21 20.44 17.09
CA ASP B 152 10.31 21.58 17.11
C ASP B 152 10.02 22.20 15.74
N GLY B 153 10.79 21.81 14.72
CA GLY B 153 10.65 22.41 13.41
C GLY B 153 11.81 22.03 12.51
N VAL B 154 11.99 22.79 11.42
CA VAL B 154 13.03 22.45 10.46
C VAL B 154 13.82 23.71 10.08
N THR B 155 15.12 23.55 9.88
CA THR B 155 15.95 24.66 9.43
C THR B 155 16.51 24.33 8.04
N ALA B 156 16.10 25.11 7.03
CA ALA B 156 16.60 24.87 5.68
C ALA B 156 17.66 25.89 5.29
N ARG B 157 18.62 25.46 4.48
CA ARG B 157 19.64 26.35 3.92
C ARG B 157 19.22 26.74 2.49
N LEU B 158 19.25 28.04 2.21
CA LEU B 158 18.82 28.55 0.91
C LEU B 158 19.95 29.30 0.21
N LEU B 159 19.95 29.25 -1.12
CA LEU B 159 20.89 30.03 -1.92
C LEU B 159 20.12 31.02 -2.77
N ASP B 160 20.48 32.29 -2.65
CA ASP B 160 19.79 33.37 -3.34
C ASP B 160 20.55 33.66 -4.63
N HIS B 161 19.92 33.42 -5.77
CA HIS B 161 20.58 33.57 -7.05
C HIS B 161 20.58 35.00 -7.57
N VAL B 162 20.08 35.93 -6.75
CA VAL B 162 20.22 37.34 -7.07
C VAL B 162 21.38 37.95 -6.30
N SER B 163 21.42 37.75 -4.98
CA SER B 163 22.45 38.38 -4.16
C SER B 163 23.69 37.51 -3.98
N GLY B 164 23.54 36.22 -4.26
CA GLY B 164 24.63 35.28 -4.07
C GLY B 164 24.67 34.82 -2.64
N ALA B 165 23.88 35.48 -1.79
CA ALA B 165 23.85 35.18 -0.37
C ALA B 165 23.22 33.84 -0.06
N GLU B 166 23.71 33.22 1.00
CA GLU B 166 23.16 31.96 1.48
C GLU B 166 22.57 32.20 2.86
N TYR B 167 21.32 31.77 3.06
CA TYR B 167 20.68 32.01 4.34
C TYR B 167 19.74 30.88 4.79
N GLU B 168 19.34 30.93 6.05
CA GLU B 168 18.53 29.87 6.64
C GLU B 168 17.10 30.33 6.86
N VAL B 169 16.17 29.39 6.80
CA VAL B 169 14.79 29.65 7.16
C VAL B 169 14.36 28.64 8.21
N ARG B 170 13.77 29.13 9.28
CA ARG B 170 13.19 28.28 10.31
C ARG B 170 11.71 28.11 10.01
N ALA B 171 11.28 26.86 9.87
CA ALA B 171 9.88 26.55 9.57
C ALA B 171 9.41 25.40 10.45
N LYS B 172 8.12 25.33 10.72
CA LYS B 172 7.55 24.18 11.42
C LYS B 172 7.44 22.99 10.48
N TYR B 173 7.04 23.26 9.23
CA TYR B 173 6.92 22.20 8.21
C TYR B 173 7.56 22.59 6.88
N ILE B 174 8.04 21.59 6.15
CA ILE B 174 8.50 21.78 4.78
C ILE B 174 7.63 21.00 3.80
N ILE B 175 7.09 21.69 2.80
CA ILE B 175 6.45 21.01 1.68
C ILE B 175 7.49 20.80 0.56
N GLY B 176 7.72 19.55 0.17
CA GLY B 176 8.55 19.26 -1.00
C GLY B 176 7.68 19.25 -2.26
N ALA B 177 7.54 20.42 -2.89
CA ALA B 177 6.81 20.50 -4.15
C ALA B 177 7.79 20.79 -5.27
N ASP B 178 8.97 20.17 -5.19
CA ASP B 178 10.09 20.54 -6.02
C ASP B 178 10.33 19.60 -7.20
N GLY B 179 9.28 18.90 -7.63
CA GLY B 179 9.30 18.30 -8.93
C GLY B 179 9.97 16.94 -9.05
N ALA B 180 10.11 16.51 -10.29
CA ALA B 180 10.45 15.14 -10.63
C ALA B 180 11.81 14.67 -10.13
N HIS B 181 12.66 15.62 -9.71
CA HIS B 181 13.97 15.25 -9.16
C HIS B 181 14.12 15.83 -7.76
N SER B 182 13.05 15.73 -6.99
CA SER B 182 12.94 16.34 -5.68
C SER B 182 14.12 16.05 -4.78
N LEU B 183 14.91 17.09 -4.48
CA LEU B 183 15.96 16.99 -3.49
C LEU B 183 15.34 16.84 -2.09
N VAL B 184 14.17 17.43 -1.90
CA VAL B 184 13.45 17.32 -0.63
C VAL B 184 13.04 15.86 -0.36
N ALA B 185 12.52 15.18 -1.39
CA ALA B 185 12.19 13.76 -1.26
C ALA B 185 13.44 12.94 -0.95
N GLN B 186 14.54 13.28 -1.60
CA GLN B 186 15.81 12.59 -1.39
C GLN B 186 16.31 12.76 0.05
N ASN B 187 16.25 14.00 0.54
CA ASN B 187 16.67 14.29 1.91
C ASN B 187 15.72 13.73 2.97
N ALA B 188 14.46 13.55 2.60
CA ALA B 188 13.49 12.95 3.51
C ALA B 188 13.58 11.42 3.46
N GLY B 189 14.33 10.91 2.50
CA GLY B 189 14.54 9.48 2.38
C GLY B 189 13.33 8.68 1.92
N LEU B 190 12.43 9.33 1.17
CA LEU B 190 11.23 8.66 0.65
C LEU B 190 11.58 7.48 -0.27
N PRO B 191 10.97 6.32 -0.02
CA PRO B 191 11.18 5.16 -0.89
C PRO B 191 10.31 5.29 -2.16
N PHE B 192 10.87 4.92 -3.31
CA PHE B 192 10.14 4.97 -4.56
C PHE B 192 10.02 3.56 -5.12
N GLU B 193 8.91 3.29 -5.79
CA GLU B 193 8.71 1.99 -6.43
C GLU B 193 8.23 2.13 -7.85
N GLY B 194 8.07 1.00 -8.50
CA GLY B 194 7.48 0.93 -9.82
C GLY B 194 8.34 1.58 -10.88
N GLN B 195 9.67 1.49 -10.72
CA GLN B 195 10.60 2.11 -11.66
C GLN B 195 10.40 1.60 -13.09
N MET B 196 9.85 0.39 -13.20
CA MET B 196 9.51 -0.21 -14.50
C MET B 196 8.59 0.70 -15.31
N SER B 201 13.27 6.94 -21.25
CA SER B 201 12.39 7.30 -22.35
C SER B 201 11.93 8.75 -22.25
N GLY B 202 12.34 9.55 -23.21
CA GLY B 202 11.98 10.96 -23.22
C GLY B 202 11.15 11.37 -24.41
N SER B 203 10.84 12.66 -24.47
CA SER B 203 10.12 13.22 -25.61
C SER B 203 10.62 14.64 -25.86
N ILE B 204 10.62 15.04 -27.12
CA ILE B 204 11.05 16.36 -27.52
C ILE B 204 9.81 17.18 -27.86
N ASN B 205 9.86 18.46 -27.52
CA ASN B 205 8.72 19.34 -27.68
C ASN B 205 9.14 20.58 -28.47
N ILE B 206 8.50 20.81 -29.61
CA ILE B 206 8.85 21.94 -30.46
C ILE B 206 7.71 22.91 -30.60
N GLU B 207 7.89 24.11 -30.06
CA GLU B 207 6.92 25.17 -30.22
C GLU B 207 7.12 25.84 -31.57
N PHE B 208 6.01 26.22 -32.20
CA PHE B 208 6.05 27.01 -33.42
C PHE B 208 4.73 27.74 -33.59
N SER B 209 4.74 28.75 -34.46
CA SER B 209 3.53 29.54 -34.70
C SER B 209 3.15 29.46 -36.16
N ALA B 210 1.87 29.21 -36.42
CA ALA B 210 1.35 29.16 -37.79
C ALA B 210 -0.17 29.18 -37.78
N ASP B 211 -0.76 29.92 -38.71
CA ASP B 211 -2.21 29.93 -38.85
C ASP B 211 -2.62 28.67 -39.60
N LEU B 212 -3.01 27.65 -38.84
CA LEU B 212 -3.50 26.42 -39.45
C LEU B 212 -4.98 26.27 -39.15
N SER B 214 -7.42 27.07 -41.08
CA SER B 214 -7.98 26.48 -42.30
C SER B 214 -8.27 24.97 -42.21
N LEU B 215 -7.40 24.24 -41.52
CA LEU B 215 -7.47 22.78 -41.48
C LEU B 215 -7.75 22.19 -40.09
N CYS B 216 -7.63 23.03 -39.06
CA CYS B 216 -7.94 22.67 -37.69
C CYS B 216 -9.03 23.63 -37.20
N GLU B 217 -10.15 23.64 -37.90
CA GLU B 217 -11.26 24.56 -37.60
C GLU B 217 -12.62 23.86 -37.71
N HIS B 218 -12.90 23.30 -38.88
CA HIS B 218 -14.04 22.43 -39.15
C HIS B 218 -14.00 21.15 -38.32
N ARG B 219 -13.04 21.04 -37.43
CA ARG B 219 -13.04 19.96 -36.45
C ARG B 219 -13.12 20.54 -35.04
N LYS B 220 -12.02 21.18 -34.65
CA LYS B 220 -11.87 21.76 -33.32
C LYS B 220 -11.38 20.72 -32.32
N GLY B 221 -10.09 20.39 -32.36
CA GLY B 221 -9.57 19.39 -31.47
C GLY B 221 -8.31 19.73 -30.72
N ASP B 222 -8.22 19.10 -29.56
CA ASP B 222 -7.13 19.35 -28.66
C ASP B 222 -5.81 18.97 -29.29
N MET B 223 -5.80 17.84 -30.02
CA MET B 223 -4.56 17.34 -30.62
C MET B 223 -4.76 16.64 -31.97
N TYR B 224 -3.67 16.52 -32.71
CA TYR B 224 -3.61 15.79 -33.98
C TYR B 224 -2.49 14.78 -33.78
N TRP B 225 -2.75 13.48 -33.99
CA TRP B 225 -1.66 12.50 -33.91
C TRP B 225 -1.28 11.95 -35.25
N MET B 226 -0.01 12.08 -35.58
CA MET B 226 0.49 11.59 -36.85
C MET B 226 1.24 10.30 -36.62
N PHE B 227 1.03 9.34 -37.50
CA PHE B 227 1.79 8.11 -37.48
C PHE B 227 2.78 8.08 -38.65
N VAL B 238 5.37 8.12 -33.91
CA VAL B 238 4.13 8.83 -33.63
C VAL B 238 4.32 10.27 -33.11
N ALA B 239 3.93 11.24 -33.92
CA ALA B 239 4.07 12.65 -33.55
C ALA B 239 2.73 13.23 -33.10
N ALA B 240 2.78 14.15 -32.15
CA ALA B 240 1.57 14.86 -31.73
C ALA B 240 1.61 16.35 -32.08
N LEU B 241 0.53 16.82 -32.69
CA LEU B 241 0.38 18.24 -32.97
C LEU B 241 -0.70 18.80 -32.06
N ARG B 242 -0.25 19.34 -30.94
CA ARG B 242 -1.12 19.75 -29.83
C ARG B 242 -1.36 21.26 -29.86
N MET B 243 -2.64 21.61 -29.36
CA MET B 243 -2.99 23.02 -29.41
C MET B 243 -2.57 23.77 -28.15
N ILE B 244 -1.96 24.98 -28.67
CA ILE B 244 -1.57 25.83 -27.57
C ILE B 244 -2.60 26.94 -27.46
N ARG B 245 -2.81 27.61 -28.59
CA ARG B 245 -3.91 28.54 -28.77
C ARG B 245 -4.52 28.27 -30.14
N PRO B 246 -5.86 28.29 -30.23
CA PRO B 246 -6.57 27.95 -31.46
C PRO B 246 -6.69 29.13 -32.42
N TRP B 247 -5.91 29.08 -33.50
CA TRP B 247 -5.03 27.96 -33.74
C TRP B 247 -3.69 28.43 -34.20
N ASN B 248 -3.32 29.64 -33.80
CA ASN B 248 -2.03 30.21 -34.18
C ASN B 248 -0.86 29.49 -33.54
N LYS B 249 -0.80 29.52 -32.21
CA LYS B 249 0.26 28.86 -31.47
C LYS B 249 0.26 27.36 -31.73
N TRP B 250 1.43 26.73 -31.62
CA TRP B 250 1.52 25.30 -31.88
C TRP B 250 2.70 24.64 -31.22
N ILE B 251 2.59 23.33 -31.02
CA ILE B 251 3.65 22.53 -30.46
C ILE B 251 3.60 21.13 -31.02
N CYS B 252 4.75 20.63 -31.46
CA CYS B 252 4.88 19.28 -31.96
C CYS B 252 5.64 18.47 -30.92
N VAL B 253 5.13 17.27 -30.61
CA VAL B 253 5.75 16.39 -29.63
C VAL B 253 5.95 15.01 -30.24
N TRP B 254 7.08 14.35 -29.94
CA TRP B 254 7.28 12.96 -30.33
C TRP B 254 8.21 12.20 -29.36
N GLY B 255 8.23 10.88 -29.48
CA GLY B 255 9.09 10.06 -28.62
C GLY B 255 10.53 10.04 -29.04
N PRO B 263 18.81 14.06 -24.21
CA PRO B 263 19.46 15.27 -24.72
C PRO B 263 19.67 15.21 -26.24
N GLU B 264 18.74 15.78 -26.98
CA GLU B 264 18.82 15.77 -28.45
C GLU B 264 18.71 17.19 -29.01
N ILE B 265 19.55 17.50 -30.00
CA ILE B 265 19.72 18.89 -30.46
C ILE B 265 18.63 19.46 -31.39
N THR B 266 18.73 19.15 -32.69
CA THR B 266 17.87 19.71 -33.73
C THR B 266 17.99 21.24 -33.91
N LYS B 267 17.97 21.71 -35.16
CA LYS B 267 18.24 23.12 -35.48
C LYS B 267 17.15 23.81 -36.30
N GLU B 268 17.30 23.80 -37.63
CA GLU B 268 16.36 24.46 -38.55
C GLU B 268 15.55 23.41 -39.30
N GLU B 269 16.08 22.21 -39.36
CA GLU B 269 15.34 21.07 -39.90
C GLU B 269 14.10 20.79 -39.04
N ALA B 270 14.10 21.29 -37.81
CA ALA B 270 12.93 21.24 -36.94
C ALA B 270 11.77 21.93 -37.64
N LYS B 271 12.11 22.97 -38.40
CA LYS B 271 11.17 23.66 -39.29
C LYS B 271 10.72 22.73 -40.41
N LYS B 272 11.66 21.98 -40.97
CA LYS B 272 11.30 20.92 -41.89
C LYS B 272 10.47 19.88 -41.14
N ILE B 273 10.89 19.50 -39.93
CA ILE B 273 10.14 18.50 -39.15
C ILE B 273 8.69 18.91 -38.84
N ILE B 274 8.48 20.23 -38.79
CA ILE B 274 7.15 20.79 -38.64
C ILE B 274 6.42 20.68 -39.96
N HIS B 275 7.11 21.01 -41.06
CA HIS B 275 6.55 20.93 -42.41
C HIS B 275 5.97 19.58 -42.83
N GLU B 276 6.67 18.49 -42.57
CA GLU B 276 6.21 17.17 -43.02
C GLU B 276 5.20 16.56 -42.05
N ILE B 277 5.01 17.23 -40.92
CA ILE B 277 3.98 16.84 -39.97
C ILE B 277 2.74 17.67 -40.18
N ILE B 278 2.89 18.74 -40.95
CA ILE B 278 1.76 19.58 -41.33
C ILE B 278 1.33 19.09 -42.72
N GLY B 279 2.26 18.43 -43.41
CA GLY B 279 1.95 17.83 -44.69
C GLY B 279 2.09 18.78 -45.87
N THR B 280 2.30 20.05 -45.57
CA THR B 280 2.55 21.05 -46.60
C THR B 280 3.53 22.11 -46.10
N ASP B 281 4.18 22.80 -47.03
CA ASP B 281 5.07 23.89 -46.68
C ASP B 281 4.65 25.21 -47.32
N GLU B 282 3.43 25.65 -47.04
CA GLU B 282 2.94 26.93 -47.56
C GLU B 282 2.12 27.74 -46.55
N ILE B 283 2.08 27.27 -45.31
CA ILE B 283 1.68 28.17 -44.24
C ILE B 283 2.97 28.59 -43.55
N PRO B 284 3.22 29.90 -43.48
CA PRO B 284 4.44 30.36 -42.81
C PRO B 284 4.44 29.82 -41.39
N VAL B 285 5.55 29.28 -40.90
CA VAL B 285 5.65 28.95 -39.49
C VAL B 285 6.89 29.57 -38.82
N GLU B 286 6.73 29.88 -37.54
CA GLU B 286 7.77 30.52 -36.77
C GLU B 286 8.26 29.52 -35.72
N VAL B 287 9.43 28.94 -35.95
CA VAL B 287 9.97 27.92 -35.04
C VAL B 287 10.36 28.50 -33.70
N GLY B 288 9.58 28.16 -32.68
CA GLY B 288 9.83 28.61 -31.32
C GLY B 288 10.81 27.72 -30.59
N PRO B 289 10.80 27.79 -29.26
CA PRO B 289 11.72 27.04 -28.40
C PRO B 289 11.55 25.53 -28.49
N ILE B 290 12.67 24.83 -28.35
CA ILE B 290 12.72 23.39 -28.48
C ILE B 290 13.16 22.82 -27.14
N SER B 291 12.39 21.88 -26.60
CA SER B 291 12.70 21.37 -25.27
C SER B 291 12.41 19.88 -25.12
N THR B 292 13.26 19.20 -24.36
CA THR B 292 13.09 17.78 -24.12
C THR B 292 12.50 17.55 -22.74
N TRP B 293 11.92 16.38 -22.55
CA TRP B 293 11.30 16.00 -21.29
C TRP B 293 11.59 14.52 -21.08
N THR B 294 12.40 14.20 -20.08
CA THR B 294 12.66 12.80 -19.76
C THR B 294 11.90 12.43 -18.50
N ILE B 295 11.41 11.22 -18.45
CA ILE B 295 10.64 10.76 -17.31
C ILE B 295 11.19 9.44 -16.80
N ASN B 296 11.53 9.40 -15.52
CA ASN B 296 11.85 8.15 -14.84
C ASN B 296 10.62 7.78 -14.04
N GLN B 297 9.77 6.93 -14.61
CA GLN B 297 8.46 6.62 -14.02
C GLN B 297 8.59 5.94 -12.67
N GLN B 298 8.10 6.61 -11.63
CA GLN B 298 8.13 6.07 -10.27
C GLN B 298 7.13 6.79 -9.42
N TYR B 299 6.73 6.14 -8.32
CA TYR B 299 5.92 6.80 -7.31
C TYR B 299 6.58 6.60 -5.97
N ALA B 300 6.38 7.56 -5.06
CA ALA B 300 6.83 7.39 -3.70
C ALA B 300 5.83 6.49 -3.00
N VAL B 301 6.30 5.47 -2.28
CA VAL B 301 5.38 4.59 -1.58
C VAL B 301 4.92 5.29 -0.30
N ARG B 302 5.71 6.25 0.17
CA ARG B 302 5.28 7.11 1.27
C ARG B 302 5.62 8.55 0.87
N ASN B 303 4.80 9.52 1.27
CA ASN B 303 5.00 10.92 0.83
C ASN B 303 5.39 11.89 1.95
N THR B 304 5.64 11.32 3.12
CA THR B 304 5.81 12.08 4.35
C THR B 304 6.95 11.45 5.14
N SER B 305 7.82 12.29 5.69
CA SER B 305 8.83 11.84 6.64
C SER B 305 9.01 12.93 7.68
N GLY B 306 8.57 12.66 8.91
CA GLY B 306 8.65 13.64 9.99
C GLY B 306 7.87 14.92 9.64
N ARG B 307 8.59 16.04 9.59
CA ARG B 307 7.95 17.33 9.27
C ARG B 307 8.01 17.67 7.78
N VAL B 308 8.35 16.67 6.98
CA VAL B 308 8.49 16.88 5.54
C VAL B 308 7.38 16.19 4.78
N PHE B 309 6.69 16.93 3.93
CA PHE B 309 5.61 16.41 3.10
C PHE B 309 5.90 16.70 1.65
N CYS B 310 5.88 15.67 0.83
CA CYS B 310 6.18 15.84 -0.58
C CYS B 310 4.92 15.61 -1.40
N MET B 311 4.83 16.31 -2.52
CA MET B 311 3.61 16.32 -3.31
C MET B 311 3.95 16.60 -4.76
N GLY B 312 3.00 16.36 -5.67
CA GLY B 312 3.23 16.66 -7.08
C GLY B 312 4.18 15.65 -7.71
N ASP B 313 4.91 16.10 -8.74
CA ASP B 313 5.92 15.29 -9.43
C ASP B 313 6.97 14.74 -8.47
N ALA B 314 7.14 15.39 -7.32
CA ALA B 314 8.06 14.93 -6.30
C ALA B 314 7.76 13.52 -5.82
N VAL B 315 6.47 13.15 -5.83
CA VAL B 315 6.02 11.81 -5.41
C VAL B 315 5.36 10.93 -6.52
N HIS B 316 5.05 11.51 -7.67
CA HIS B 316 4.59 10.71 -8.82
C HIS B 316 5.12 11.22 -10.15
N ARG B 317 5.98 10.41 -10.75
CA ARG B 317 6.64 10.75 -12.00
C ARG B 317 6.12 9.78 -13.06
N HIS B 318 5.55 10.31 -14.13
CA HIS B 318 4.80 9.46 -15.04
C HIS B 318 4.60 10.08 -16.44
N THR B 319 4.08 9.27 -17.36
CA THR B 319 3.83 9.70 -18.73
C THR B 319 2.67 10.70 -18.76
N PRO B 320 2.56 11.47 -19.85
CA PRO B 320 1.48 12.47 -19.93
C PRO B 320 0.11 11.87 -20.26
N MET B 321 0.08 10.59 -20.63
CA MET B 321 -1.17 9.97 -21.04
C MET B 321 -2.25 10.15 -19.98
N GLY B 322 -3.33 10.81 -20.36
CA GLY B 322 -4.43 11.04 -19.44
C GLY B 322 -4.41 12.41 -18.78
N GLY B 323 -3.32 13.15 -18.93
CA GLY B 323 -3.21 14.47 -18.32
C GLY B 323 -3.47 14.46 -16.83
N LEU B 324 -2.95 13.46 -16.13
CA LEU B 324 -3.22 13.28 -14.69
C LEU B 324 -2.25 14.08 -13.80
N GLY B 325 -1.09 14.43 -14.35
CA GLY B 325 0.00 15.01 -13.57
C GLY B 325 -0.35 16.26 -12.79
N LEU B 326 -0.60 17.34 -13.52
CA LEU B 326 -0.88 18.61 -12.90
C LEU B 326 -2.09 18.50 -11.99
N ASN B 327 -3.14 17.87 -12.50
CA ASN B 327 -4.37 17.72 -11.75
C ASN B 327 -4.19 16.96 -10.43
N THR B 328 -3.46 15.87 -10.45
CA THR B 328 -3.23 15.12 -9.20
C THR B 328 -2.35 15.94 -8.25
N SER B 329 -1.41 16.66 -8.83
CA SER B 329 -0.51 17.50 -8.05
C SER B 329 -1.27 18.58 -7.30
N VAL B 330 -2.24 19.21 -7.95
CA VAL B 330 -3.03 20.25 -7.30
C VAL B 330 -3.92 19.65 -6.23
N GLN B 331 -4.46 18.48 -6.51
CA GLN B 331 -5.25 17.80 -5.51
C GLN B 331 -4.41 17.34 -4.30
N ASP B 332 -3.13 17.02 -4.49
CA ASP B 332 -2.23 16.75 -3.35
C ASP B 332 -2.20 17.94 -2.38
N ALA B 333 -2.04 19.14 -2.96
CA ALA B 333 -2.01 20.38 -2.19
C ALA B 333 -3.33 20.63 -1.45
N TYR B 334 -4.44 20.35 -2.13
CA TYR B 334 -5.77 20.58 -1.57
C TYR B 334 -6.02 19.65 -0.39
N ASN B 335 -5.49 18.43 -0.49
CA ASN B 335 -5.60 17.48 0.61
C ASN B 335 -4.85 17.93 1.87
N LEU B 336 -3.65 18.48 1.67
CA LEU B 336 -2.72 18.77 2.80
C LEU B 336 -2.97 20.11 3.49
N ALA B 337 -3.34 21.15 2.72
CA ALA B 337 -3.30 22.51 3.28
C ALA B 337 -4.20 22.72 4.50
N TRP B 338 -5.47 22.32 4.42
CA TRP B 338 -6.37 22.55 5.54
C TRP B 338 -5.93 21.76 6.77
N LYS B 339 -5.25 20.65 6.53
CA LYS B 339 -4.77 19.80 7.61
C LYS B 339 -3.62 20.48 8.34
N LEU B 340 -2.65 21.00 7.59
CA LEU B 340 -1.57 21.78 8.20
C LEU B 340 -2.12 22.97 9.00
N ALA B 341 -3.10 23.65 8.42
CA ALA B 341 -3.69 24.82 9.08
C ALA B 341 -4.33 24.48 10.42
N LEU B 342 -5.07 23.39 10.48
CA LEU B 342 -5.68 22.96 11.75
C LEU B 342 -4.61 22.59 12.77
N VAL B 343 -3.55 21.94 12.33
CA VAL B 343 -2.50 21.50 13.24
C VAL B 343 -1.76 22.72 13.78
N LEU B 344 -1.37 23.62 12.87
CA LEU B 344 -0.67 24.85 13.27
C LEU B 344 -1.51 25.71 14.20
N LYS B 345 -2.81 25.75 13.97
CA LYS B 345 -3.70 26.49 14.88
C LYS B 345 -3.96 25.76 16.21
N GLY B 346 -3.50 24.53 16.34
CA GLY B 346 -3.72 23.76 17.56
C GLY B 346 -5.12 23.17 17.66
N THR B 347 -5.88 23.28 16.58
CA THR B 347 -7.25 22.75 16.52
C THR B 347 -7.25 21.25 16.25
N ALA B 348 -6.22 20.75 15.55
CA ALA B 348 -6.06 19.33 15.35
C ALA B 348 -4.71 18.87 15.90
N ALA B 349 -4.65 17.63 16.38
CA ALA B 349 -3.38 17.04 16.77
C ALA B 349 -2.54 16.78 15.52
N PRO B 350 -1.20 16.76 15.65
CA PRO B 350 -0.33 16.52 14.50
C PRO B 350 -0.59 15.19 13.80
N THR B 351 -1.29 14.25 14.44
CA THR B 351 -1.60 12.98 13.80
C THR B 351 -2.57 13.14 12.61
N LEU B 352 -3.34 14.24 12.58
CA LEU B 352 -4.14 14.54 11.40
C LEU B 352 -3.27 14.45 10.14
N LEU B 353 -2.05 14.93 10.21
CA LEU B 353 -1.20 14.90 9.02
C LEU B 353 -0.82 13.51 8.52
N ASP B 354 -0.94 12.48 9.38
CA ASP B 354 -0.75 11.11 8.93
C ASP B 354 -1.66 10.74 7.76
N SER B 355 -2.84 11.36 7.71
CA SER B 355 -3.84 11.06 6.68
C SER B 355 -3.43 11.52 5.27
N TYR B 356 -2.47 12.44 5.18
CA TYR B 356 -1.97 12.86 3.88
C TYR B 356 -1.32 11.68 3.15
N ASP B 357 -0.40 10.96 3.79
CA ASP B 357 0.15 9.76 3.15
C ASP B 357 -0.91 8.69 2.89
N ALA B 358 -1.79 8.49 3.86
CA ALA B 358 -2.77 7.40 3.74
C ALA B 358 -3.70 7.62 2.53
N GLU B 359 -4.07 8.87 2.30
CA GLU B 359 -5.03 9.21 1.23
C GLU B 359 -4.38 9.50 -0.13
N ARG B 360 -3.20 10.09 -0.11
CA ARG B 360 -2.61 10.54 -1.37
C ARG B 360 -1.64 9.55 -1.98
N SER B 361 -0.92 8.79 -1.16
CA SER B 361 0.00 7.78 -1.70
C SER B 361 -0.69 6.76 -2.62
N PRO B 362 -1.88 6.27 -2.25
CA PRO B 362 -2.50 5.38 -3.22
C PRO B 362 -2.81 6.07 -4.54
N VAL B 363 -3.10 7.37 -4.50
CA VAL B 363 -3.39 8.07 -5.75
C VAL B 363 -2.10 8.14 -6.58
N ALA B 364 -0.99 8.44 -5.91
CA ALA B 364 0.30 8.50 -6.58
C ALA B 364 0.62 7.22 -7.36
N LYS B 365 0.51 6.07 -6.69
CA LYS B 365 0.81 4.83 -7.36
C LYS B 365 -0.18 4.62 -8.51
N GLN B 366 -1.42 5.00 -8.29
CA GLN B 366 -2.47 4.76 -9.27
C GLN B 366 -2.20 5.46 -10.58
N ILE B 367 -1.84 6.75 -10.53
CA ILE B 367 -1.71 7.49 -11.77
C ILE B 367 -0.44 7.12 -12.49
N VAL B 368 0.62 6.79 -11.76
CA VAL B 368 1.83 6.35 -12.44
C VAL B 368 1.52 5.08 -13.23
N GLU B 369 0.87 4.11 -12.59
CA GLU B 369 0.54 2.87 -13.29
C GLU B 369 -0.43 3.08 -14.46
N ARG B 370 -1.43 3.94 -14.28
CA ARG B 370 -2.42 4.19 -15.34
C ARG B 370 -1.79 4.90 -16.53
N ALA B 371 -0.96 5.91 -16.26
CA ALA B 371 -0.34 6.69 -17.33
C ALA B 371 0.54 5.80 -18.18
N PHE B 372 1.22 4.87 -17.50
CA PHE B 372 2.10 3.94 -18.18
C PHE B 372 1.29 2.95 -19.03
N LYS B 373 0.23 2.41 -18.43
CA LYS B 373 -0.57 1.39 -19.08
C LYS B 373 -1.16 1.91 -20.38
N SER B 374 -1.58 3.17 -20.38
CA SER B 374 -2.15 3.77 -21.57
C SER B 374 -1.18 3.77 -22.77
N LEU B 375 0.13 3.67 -22.52
CA LEU B 375 1.10 3.61 -23.62
C LEU B 375 0.90 2.39 -24.52
N SER B 376 0.64 1.24 -23.91
CA SER B 376 0.49 -0.02 -24.65
C SER B 376 -0.74 -0.04 -25.54
N THR B 377 -1.49 1.07 -25.58
CA THR B 377 -2.70 1.11 -26.41
C THR B 377 -2.42 1.62 -27.81
N PHE B 378 -1.19 2.09 -28.02
CA PHE B 378 -0.80 2.61 -29.32
C PHE B 378 -0.18 1.61 -30.32
N PRO B 379 0.66 0.66 -29.85
CA PRO B 379 1.14 -0.35 -30.79
C PRO B 379 0.06 -1.13 -31.56
N PRO B 380 -1.10 -1.49 -30.93
CA PRO B 380 -2.08 -2.18 -31.76
C PRO B 380 -2.56 -1.37 -32.97
N VAL B 381 -2.40 -0.05 -32.94
CA VAL B 381 -2.78 0.77 -34.08
C VAL B 381 -1.86 0.47 -35.27
N PHE B 382 -0.56 0.43 -35.01
CA PHE B 382 0.40 0.02 -36.03
C PHE B 382 0.17 -1.42 -36.45
N GLU B 383 -0.20 -2.27 -35.50
CA GLU B 383 -0.45 -3.68 -35.79
C GLU B 383 -1.65 -3.89 -36.71
N ALA B 384 -2.71 -3.11 -36.51
CA ALA B 384 -3.89 -3.23 -37.34
C ALA B 384 -3.58 -2.78 -38.77
N LEU B 385 -2.61 -1.87 -38.88
CA LEU B 385 -2.17 -1.38 -40.18
C LEU B 385 -1.13 -2.30 -40.83
N SER B 386 -0.86 -3.45 -40.21
CA SER B 386 0.20 -4.35 -40.66
C SER B 386 1.50 -3.59 -40.86
N LEU B 387 1.87 -2.82 -39.85
CA LEU B 387 3.03 -1.96 -39.91
C LEU B 387 4.04 -2.39 -38.84
N PRO B 388 5.33 -2.12 -39.07
CA PRO B 388 6.35 -2.30 -38.04
C PRO B 388 6.31 -1.10 -37.12
N PRO B 389 6.98 -1.16 -35.96
CA PRO B 389 7.04 0.00 -35.06
C PRO B 389 7.56 1.25 -35.77
N ALA B 390 8.54 1.06 -36.64
CA ALA B 390 9.08 2.16 -37.43
C ALA B 390 8.89 1.90 -38.92
N PRO B 391 7.82 2.47 -39.50
CA PRO B 391 7.50 2.31 -40.93
C PRO B 391 8.12 3.40 -41.80
N THR B 392 8.65 3.00 -42.95
CA THR B 392 9.12 3.94 -43.95
C THR B 392 7.94 4.64 -44.61
N GLU B 393 8.21 5.49 -45.59
CA GLU B 393 7.11 6.19 -46.23
C GLU B 393 6.46 5.38 -47.36
N SER B 394 7.19 4.38 -47.86
CA SER B 394 6.59 3.42 -48.79
C SER B 394 5.68 2.45 -48.02
N GLU B 395 6.20 1.93 -46.91
CA GLU B 395 5.44 1.02 -46.05
C GLU B 395 4.13 1.66 -45.58
N MET B 396 4.19 2.94 -45.21
CA MET B 396 3.03 3.67 -44.75
C MET B 396 2.04 3.96 -45.88
N ALA B 397 2.58 4.32 -47.04
CA ALA B 397 1.74 4.56 -48.21
C ALA B 397 1.04 3.29 -48.65
N GLU B 398 1.68 2.15 -48.42
CA GLU B 398 1.09 0.84 -48.74
C GLU B 398 -0.03 0.51 -47.75
N ALA B 399 0.16 0.86 -46.49
CA ALA B 399 -0.84 0.62 -45.47
C ALA B 399 -2.11 1.41 -45.76
N LEU B 400 -1.94 2.60 -46.32
CA LEU B 400 -3.07 3.44 -46.71
C LEU B 400 -3.84 2.83 -47.87
N VAL B 401 -3.10 2.25 -48.81
CA VAL B 401 -3.73 1.57 -49.95
C VAL B 401 -4.55 0.37 -49.45
N ARG B 402 -3.91 -0.47 -48.63
CA ARG B 402 -4.56 -1.66 -48.09
C ARG B 402 -5.82 -1.30 -47.32
N LEU B 403 -5.84 -0.09 -46.76
CA LEU B 403 -6.93 0.37 -45.93
C LEU B 403 -8.18 0.71 -46.77
N LYS B 404 -7.97 0.95 -48.06
CA LYS B 404 -9.08 1.26 -48.96
C LYS B 404 -9.41 0.10 -49.90
N ASP B 405 -8.82 -1.05 -49.61
CA ASP B 405 -9.05 -2.26 -50.39
C ASP B 405 -10.51 -2.70 -50.30
N ALA B 406 -11.14 -2.97 -51.44
CA ALA B 406 -12.55 -3.36 -51.48
C ALA B 406 -12.75 -4.87 -51.33
N SER B 407 -12.08 -5.46 -50.34
CA SER B 407 -12.22 -6.88 -50.08
C SER B 407 -12.69 -7.09 -48.65
N GLU B 408 -13.11 -8.32 -48.32
CA GLU B 408 -13.52 -8.63 -46.97
C GLU B 408 -12.32 -8.51 -46.04
N GLU B 409 -11.13 -8.76 -46.59
CA GLU B 409 -9.90 -8.60 -45.83
C GLU B 409 -9.61 -7.11 -45.60
N GLY B 410 -9.97 -6.28 -46.56
CA GLY B 410 -9.93 -4.83 -46.36
C GLY B 410 -10.89 -4.41 -45.25
N ALA B 411 -12.08 -4.98 -45.27
CA ALA B 411 -13.08 -4.71 -44.24
C ALA B 411 -12.54 -5.09 -42.85
N LYS B 412 -11.91 -6.26 -42.74
CA LYS B 412 -11.38 -6.70 -41.45
C LYS B 412 -10.30 -5.73 -40.97
N ARG B 413 -9.49 -5.26 -41.90
CA ARG B 413 -8.45 -4.29 -41.56
C ARG B 413 -9.05 -2.98 -41.05
N ARG B 414 -10.04 -2.46 -41.77
CA ARG B 414 -10.70 -1.23 -41.35
C ARG B 414 -11.33 -1.38 -39.97
N ALA B 415 -11.99 -2.50 -39.73
CA ALA B 415 -12.53 -2.78 -38.40
C ALA B 415 -11.41 -2.87 -37.34
N ALA B 416 -10.31 -3.53 -37.69
CA ALA B 416 -9.21 -3.67 -36.73
C ALA B 416 -8.59 -2.32 -36.38
N LEU B 417 -8.48 -1.44 -37.37
CA LEU B 417 -7.94 -0.10 -37.15
C LEU B 417 -8.83 0.67 -36.20
N ARG B 418 -10.12 0.69 -36.49
CA ARG B 418 -11.11 1.35 -35.64
C ARG B 418 -11.05 0.82 -34.20
N LYS B 419 -10.98 -0.49 -34.04
CA LYS B 419 -10.90 -1.07 -32.71
C LYS B 419 -9.67 -0.56 -31.96
N ALA B 420 -8.53 -0.57 -32.64
CA ALA B 420 -7.29 -0.05 -32.06
C ALA B 420 -7.40 1.42 -31.67
N MET B 421 -7.89 2.25 -32.59
CA MET B 421 -8.02 3.68 -32.29
C MET B 421 -8.96 3.93 -31.11
N ASP B 422 -10.07 3.18 -31.07
CA ASP B 422 -11.03 3.33 -29.97
C ASP B 422 -10.40 3.05 -28.62
N ALA B 423 -9.55 2.04 -28.54
CA ALA B 423 -8.89 1.65 -27.30
C ALA B 423 -7.93 2.72 -26.74
N THR B 424 -7.54 3.68 -27.59
CA THR B 424 -6.67 4.76 -27.12
C THR B 424 -7.39 5.82 -26.29
N ILE B 425 -8.72 5.78 -26.31
CA ILE B 425 -9.53 6.78 -25.60
C ILE B 425 -9.26 6.80 -24.08
N ILE B 426 -8.85 5.67 -23.51
CA ILE B 426 -8.63 5.59 -22.07
C ILE B 426 -7.59 6.63 -21.58
N GLY B 427 -6.63 6.98 -22.42
CA GLY B 427 -5.65 8.00 -22.07
C GLY B 427 -5.98 9.38 -22.64
N LEU B 428 -7.18 9.53 -23.19
CA LEU B 428 -7.52 10.76 -23.91
C LEU B 428 -8.91 11.25 -23.57
N GLY B 429 -9.31 11.00 -22.32
CA GLY B 429 -10.58 11.49 -21.82
C GLY B 429 -11.53 10.37 -21.41
N GLY B 430 -11.17 9.13 -21.74
CA GLY B 430 -11.99 8.00 -21.35
C GLY B 430 -11.95 7.75 -19.85
N GLY B 431 -10.81 8.08 -19.23
CA GLY B 431 -10.54 7.72 -17.84
C GLY B 431 -11.23 8.53 -16.77
N HIS B 432 -12.54 8.73 -16.92
CA HIS B 432 -13.29 9.58 -15.99
C HIS B 432 -13.23 9.00 -14.58
N GLY B 433 -13.42 7.69 -14.49
CA GLY B 433 -13.28 6.97 -13.24
C GLY B 433 -11.95 7.24 -12.56
N VAL B 434 -10.85 7.11 -13.29
CA VAL B 434 -9.54 7.39 -12.69
C VAL B 434 -9.50 8.82 -12.13
N GLU B 435 -10.01 9.78 -12.90
CA GLU B 435 -9.95 11.17 -12.47
C GLU B 435 -10.72 11.44 -11.19
N LEU B 436 -11.87 10.78 -11.02
CA LEU B 436 -12.77 11.19 -9.95
C LEU B 436 -13.03 10.18 -8.83
N ASN B 437 -12.73 8.90 -9.02
CA ASN B 437 -13.16 7.91 -8.02
C ASN B 437 -12.24 7.75 -6.83
N GLN B 438 -11.80 8.85 -6.22
CA GLN B 438 -10.91 8.73 -5.08
C GLN B 438 -11.67 8.05 -3.95
N ARG B 439 -10.99 7.13 -3.25
CA ARG B 439 -11.62 6.42 -2.13
C ARG B 439 -10.63 6.46 -0.95
N TYR B 440 -10.90 7.34 0.02
CA TYR B 440 -9.97 7.58 1.10
C TYR B 440 -10.27 6.67 2.28
N VAL B 441 -9.22 6.09 2.84
CA VAL B 441 -9.30 5.32 4.07
C VAL B 441 -8.16 5.83 4.95
N SER B 442 -8.49 6.38 6.11
CA SER B 442 -7.49 6.95 7.01
C SER B 442 -8.20 7.37 8.30
N ARG B 443 -7.46 7.97 9.22
CA ARG B 443 -8.05 8.50 10.46
C ARG B 443 -8.81 9.81 10.22
N ALA B 444 -8.65 10.38 9.04
CA ALA B 444 -9.37 11.62 8.69
C ALA B 444 -10.69 11.34 7.99
N VAL B 445 -11.07 10.07 7.98
CA VAL B 445 -12.36 9.64 7.45
C VAL B 445 -12.97 8.69 8.46
N PHE B 446 -14.12 9.07 9.00
CA PHE B 446 -14.80 8.28 10.01
C PHE B 446 -15.78 7.30 9.37
N PRO B 447 -15.46 5.99 9.44
CA PRO B 447 -16.29 4.97 8.79
C PRO B 447 -17.70 4.98 9.36
N ASP B 448 -18.72 4.79 8.53
CA ASP B 448 -20.10 4.79 9.01
C ASP B 448 -20.62 3.38 9.26
N GLY B 449 -19.81 2.37 8.96
CA GLY B 449 -20.17 1.00 9.27
C GLY B 449 -20.70 0.23 8.07
N THR B 450 -20.99 0.94 6.97
CA THR B 450 -21.42 0.25 5.75
C THR B 450 -20.23 -0.38 5.04
N PRO B 451 -20.47 -1.49 4.34
CA PRO B 451 -19.41 -2.08 3.51
C PRO B 451 -19.17 -1.23 2.26
N ASP B 452 -18.03 -1.43 1.62
CA ASP B 452 -17.76 -0.79 0.35
C ASP B 452 -18.65 -1.38 -0.76
N PRO B 453 -19.53 -0.55 -1.35
CA PRO B 453 -20.43 -0.99 -2.42
C PRO B 453 -19.67 -1.31 -3.70
N GLY B 454 -18.45 -0.78 -3.81
CA GLY B 454 -17.66 -1.02 -5.00
C GLY B 454 -18.22 -0.27 -6.19
N PHE B 455 -17.91 -0.75 -7.38
CA PHE B 455 -18.28 -0.02 -8.59
C PHE B 455 -19.13 -0.89 -9.49
N VAL B 456 -20.23 -0.34 -9.98
CA VAL B 456 -21.13 -1.11 -10.85
C VAL B 456 -20.49 -1.33 -12.20
N ARG B 457 -19.91 -0.26 -12.75
CA ARG B 457 -19.20 -0.34 -14.00
C ARG B 457 -17.73 -0.09 -13.75
N ASP B 458 -16.94 -0.25 -14.81
CA ASP B 458 -15.49 -0.18 -14.74
C ASP B 458 -15.05 1.09 -14.01
N GLN B 459 -14.22 0.94 -13.00
CA GLN B 459 -13.90 2.05 -12.09
C GLN B 459 -12.85 2.99 -12.64
N GLU B 460 -12.26 2.63 -13.77
CA GLU B 460 -11.33 3.52 -14.48
C GLU B 460 -12.07 4.37 -15.51
N PHE B 461 -13.03 3.76 -16.20
CA PHE B 461 -13.75 4.48 -17.26
C PHE B 461 -14.86 5.36 -16.71
N PHE B 462 -15.51 4.89 -15.65
CA PHE B 462 -16.72 5.54 -15.20
C PHE B 462 -16.63 6.04 -13.76
N TYR B 463 -17.00 7.30 -13.56
CA TYR B 463 -17.16 7.87 -12.24
C TYR B 463 -18.37 7.22 -11.59
N GLN B 464 -18.24 6.82 -10.32
CA GLN B 464 -19.43 6.46 -9.57
C GLN B 464 -19.55 7.34 -8.34
N ALA B 465 -20.66 8.07 -8.26
CA ALA B 465 -20.88 8.94 -7.12
C ALA B 465 -21.11 8.09 -5.87
N SER B 466 -20.69 8.60 -4.72
CA SER B 466 -20.91 7.91 -3.47
C SER B 466 -20.96 8.90 -2.33
N THR B 467 -21.87 8.73 -1.38
CA THR B 467 -21.82 9.58 -0.20
C THR B 467 -21.24 8.86 1.01
N ARG B 468 -20.66 7.69 0.81
CA ARG B 468 -20.02 6.96 1.90
C ARG B 468 -18.79 7.75 2.32
N PRO B 469 -18.49 7.80 3.64
CA PRO B 469 -17.26 8.48 4.04
C PRO B 469 -16.04 8.02 3.26
N GLY B 470 -15.22 8.99 2.87
CA GLY B 470 -14.04 8.71 2.08
C GLY B 470 -14.22 9.02 0.61
N ALA B 471 -15.44 9.25 0.18
CA ALA B 471 -15.68 9.64 -1.20
C ALA B 471 -15.87 11.14 -1.30
N HIS B 472 -15.57 11.69 -2.47
CA HIS B 472 -15.83 13.11 -2.72
C HIS B 472 -17.35 13.35 -2.64
N LEU B 473 -17.73 14.49 -2.09
CA LEU B 473 -19.12 14.90 -2.09
C LEU B 473 -19.64 14.92 -3.52
N PRO B 474 -20.78 14.27 -3.77
CA PRO B 474 -21.33 14.30 -5.12
C PRO B 474 -21.90 15.67 -5.44
N HIS B 475 -21.79 16.03 -6.71
CA HIS B 475 -22.40 17.22 -7.27
C HIS B 475 -23.84 16.97 -7.70
N VAL B 476 -24.76 17.81 -7.24
CA VAL B 476 -26.06 17.95 -7.87
C VAL B 476 -26.41 19.41 -7.80
N TRP B 477 -27.37 19.83 -8.60
CA TRP B 477 -27.84 21.21 -8.54
C TRP B 477 -28.93 21.42 -7.50
N LEU B 478 -28.74 22.45 -6.68
CA LEU B 478 -29.79 22.93 -5.80
C LEU B 478 -30.11 24.32 -6.32
N THR B 479 -30.97 25.04 -5.63
CA THR B 479 -31.09 26.45 -5.92
C THR B 479 -30.93 27.31 -4.68
N GLU B 480 -30.55 28.55 -4.93
CA GLU B 480 -30.45 29.58 -3.92
C GLU B 480 -31.05 30.81 -4.58
N ASN B 481 -32.22 31.24 -4.08
CA ASN B 481 -33.03 32.24 -4.77
C ASN B 481 -33.35 31.82 -6.20
N GLN B 482 -33.72 30.54 -6.32
CA GLN B 482 -34.12 29.91 -7.58
C GLN B 482 -33.02 29.89 -8.66
N ARG B 483 -31.81 30.27 -8.26
CA ARG B 483 -30.64 30.20 -9.13
C ARG B 483 -29.82 28.97 -8.77
N ARG B 484 -29.32 28.27 -9.78
CA ARG B 484 -28.65 27.00 -9.57
C ARG B 484 -27.34 27.14 -8.78
N ILE B 485 -27.18 26.25 -7.81
CA ILE B 485 -25.95 26.20 -7.02
C ILE B 485 -25.60 24.74 -6.79
N SER B 486 -24.31 24.42 -6.88
CA SER B 486 -23.88 23.04 -6.66
C SER B 486 -23.80 22.77 -5.16
N THR B 487 -24.08 21.52 -4.78
CA THR B 487 -23.75 21.07 -3.42
C THR B 487 -22.33 21.46 -3.06
N LEU B 488 -21.42 21.43 -4.04
CA LEU B 488 -20.02 21.76 -3.79
C LEU B 488 -19.88 23.22 -3.32
N ASP B 489 -20.74 24.09 -3.82
CA ASP B 489 -20.66 25.52 -3.51
C ASP B 489 -21.17 25.81 -2.10
N LEU B 490 -21.85 24.83 -1.50
CA LEU B 490 -22.27 24.96 -0.11
C LEU B 490 -21.10 24.65 0.82
N CYS B 491 -20.06 24.03 0.27
CA CYS B 491 -18.99 23.46 1.10
C CYS B 491 -17.63 24.10 0.82
N GLY B 492 -16.58 23.53 1.38
CA GLY B 492 -15.25 24.04 1.12
C GLY B 492 -14.93 25.29 1.90
N LYS B 493 -14.25 26.24 1.27
CA LYS B 493 -13.84 27.49 1.93
C LYS B 493 -13.03 27.29 3.19
N GLY B 494 -12.19 26.26 3.24
CA GLY B 494 -11.31 26.06 4.38
C GLY B 494 -11.97 25.54 5.65
N ARG B 495 -13.23 25.14 5.56
CA ARG B 495 -13.93 24.65 6.75
C ARG B 495 -14.76 23.40 6.51
N PHE B 496 -15.22 22.81 7.60
CA PHE B 496 -16.14 21.68 7.53
C PHE B 496 -17.57 22.16 7.32
N THR B 497 -18.35 21.39 6.57
CA THR B 497 -19.75 21.70 6.34
C THR B 497 -20.62 20.46 6.59
N LEU B 498 -21.77 20.65 7.23
CA LEU B 498 -22.73 19.56 7.41
C LEU B 498 -24.00 19.81 6.61
N LEU B 499 -24.36 18.85 5.77
CA LEU B 499 -25.57 18.96 4.94
C LEU B 499 -26.65 18.01 5.44
N THR B 500 -27.86 18.53 5.52
CA THR B 500 -29.00 17.74 5.94
C THR B 500 -30.26 18.38 5.37
N GLY B 501 -31.41 17.84 5.76
CA GLY B 501 -32.69 18.38 5.31
C GLY B 501 -33.51 18.88 6.47
N LEU B 502 -34.74 19.31 6.19
CA LEU B 502 -35.64 19.87 7.19
C LEU B 502 -35.84 18.99 8.43
N SER B 503 -36.01 17.69 8.21
CA SER B 503 -36.27 16.77 9.31
C SER B 503 -35.00 16.49 10.10
N GLY B 504 -33.87 17.01 9.59
CA GLY B 504 -32.62 16.91 10.31
C GLY B 504 -32.25 18.20 11.04
N ALA B 505 -33.26 19.00 11.40
CA ALA B 505 -33.03 20.28 12.07
C ALA B 505 -32.14 20.19 13.32
N ALA B 506 -32.21 19.07 14.03
CA ALA B 506 -31.42 18.87 15.25
C ALA B 506 -29.92 18.89 14.97
N TRP B 507 -29.52 18.66 13.73
CA TRP B 507 -28.11 18.76 13.36
C TRP B 507 -27.54 20.15 13.63
N LYS B 508 -28.36 21.18 13.51
CA LYS B 508 -27.86 22.54 13.69
C LYS B 508 -27.33 22.76 15.12
N HIS B 509 -28.13 22.41 16.12
CA HIS B 509 -27.72 22.55 17.51
C HIS B 509 -26.55 21.65 17.86
N GLU B 510 -26.63 20.39 17.42
CA GLU B 510 -25.58 19.42 17.68
C GLU B 510 -24.26 19.89 17.09
N ALA B 511 -24.33 20.43 15.89
CA ALA B 511 -23.18 21.00 15.23
C ALA B 511 -22.60 22.18 16.02
N GLU B 512 -23.49 23.00 16.56
CA GLU B 512 -23.07 24.17 17.33
C GLU B 512 -22.32 23.78 18.60
N GLN B 513 -22.85 22.78 19.29
CA GLN B 513 -22.20 22.29 20.50
C GLN B 513 -20.81 21.74 20.17
N VAL B 514 -20.73 20.91 19.15
CA VAL B 514 -19.46 20.33 18.75
C VAL B 514 -18.47 21.42 18.32
N SER B 515 -18.98 22.42 17.62
CA SER B 515 -18.17 23.52 17.11
C SER B 515 -17.55 24.38 18.22
N GLN B 516 -18.35 24.72 19.22
CA GLN B 516 -17.85 25.56 20.29
C GLN B 516 -16.91 24.79 21.21
N SER B 517 -17.22 23.51 21.45
CA SER B 517 -16.41 22.70 22.35
C SER B 517 -15.04 22.35 21.76
N LEU B 518 -15.00 22.07 20.46
CA LEU B 518 -13.74 21.70 19.81
C LEU B 518 -13.02 22.90 19.19
N GLY B 519 -13.66 24.06 19.28
CA GLY B 519 -13.10 25.28 18.72
C GLY B 519 -12.84 25.13 17.24
N ILE B 520 -13.81 24.56 16.52
CA ILE B 520 -13.67 24.41 15.08
C ILE B 520 -14.93 24.86 14.35
N GLU B 521 -14.75 25.49 13.19
CA GLU B 521 -15.88 26.01 12.44
C GLU B 521 -16.61 24.89 11.75
N LEU B 522 -17.92 24.93 11.85
CA LEU B 522 -18.71 23.88 11.25
C LEU B 522 -20.03 24.47 10.78
N LYS B 523 -20.15 24.67 9.48
CA LYS B 523 -21.36 25.29 8.92
C LYS B 523 -22.40 24.25 8.58
N VAL B 524 -23.62 24.49 9.03
CA VAL B 524 -24.71 23.58 8.74
C VAL B 524 -25.60 24.18 7.67
N CYS B 525 -25.88 23.40 6.65
CA CYS B 525 -26.86 23.79 5.64
C CYS B 525 -28.05 22.84 5.72
N VAL B 526 -29.23 23.40 5.99
CA VAL B 526 -30.46 22.62 5.98
C VAL B 526 -31.14 22.81 4.62
N ILE B 527 -31.05 21.77 3.79
CA ILE B 527 -31.55 21.85 2.41
C ILE B 527 -33.02 21.45 2.35
N GLY B 528 -33.87 22.32 1.82
CA GLY B 528 -35.29 22.02 1.73
C GLY B 528 -36.14 23.20 1.32
N PRO B 529 -37.46 22.99 1.18
CA PRO B 529 -38.40 24.04 0.79
C PRO B 529 -38.39 25.19 1.79
N GLY B 530 -38.37 26.43 1.28
CA GLY B 530 -38.37 27.60 2.14
C GLY B 530 -37.05 27.88 2.84
N GLN B 531 -36.04 27.06 2.59
CA GLN B 531 -34.72 27.23 3.19
C GLN B 531 -33.80 28.06 2.30
N GLU B 532 -32.63 28.41 2.83
CA GLU B 532 -31.62 29.14 2.06
C GLU B 532 -31.25 28.40 0.77
N PHE B 533 -31.02 27.10 0.89
CA PHE B 533 -30.77 26.25 -0.27
C PHE B 533 -31.92 25.24 -0.40
N VAL B 534 -32.36 25.02 -1.64
CA VAL B 534 -33.58 24.26 -1.88
C VAL B 534 -33.27 23.10 -2.81
N ASP B 535 -33.82 21.92 -2.51
CA ASP B 535 -33.66 20.76 -3.36
C ASP B 535 -34.67 20.82 -4.53
N THR B 536 -34.55 21.89 -5.30
CA THR B 536 -35.51 22.25 -6.36
C THR B 536 -35.78 21.15 -7.39
N TYR B 537 -34.76 20.36 -7.73
CA TYR B 537 -34.92 19.28 -8.69
C TYR B 537 -35.06 17.90 -8.03
N GLY B 538 -35.07 17.88 -6.71
CA GLY B 538 -35.09 16.62 -5.97
C GLY B 538 -33.82 15.80 -6.13
N GLU B 539 -32.77 16.40 -6.70
CA GLU B 539 -31.55 15.66 -6.99
C GLU B 539 -30.72 15.36 -5.76
N TYR B 540 -30.82 16.21 -4.74
CA TYR B 540 -30.13 15.92 -3.48
C TYR B 540 -30.74 14.69 -2.77
N ALA B 541 -32.06 14.66 -2.63
CA ALA B 541 -32.69 13.49 -2.03
C ALA B 541 -32.30 12.25 -2.83
N LYS B 542 -32.18 12.39 -4.14
CA LYS B 542 -31.86 11.26 -4.98
C LYS B 542 -30.40 10.78 -4.82
N ILE B 543 -29.46 11.70 -4.63
CA ILE B 543 -28.03 11.35 -4.57
C ILE B 543 -27.50 11.03 -3.17
N SER B 544 -28.21 11.47 -2.14
CA SER B 544 -27.64 11.48 -0.80
C SER B 544 -27.44 10.09 -0.20
N GLU B 545 -28.22 9.11 -0.66
CA GLU B 545 -28.19 7.72 -0.16
C GLU B 545 -28.73 7.54 1.26
N ILE B 546 -29.25 8.62 1.84
CA ILE B 546 -29.76 8.58 3.22
C ILE B 546 -31.10 9.29 3.28
N GLY B 547 -31.84 9.05 4.35
CA GLY B 547 -33.08 9.76 4.60
C GLY B 547 -32.82 11.25 4.74
N GLU B 548 -33.89 12.03 4.67
CA GLU B 548 -33.78 13.48 4.75
C GLU B 548 -33.15 13.96 6.06
N SER B 549 -33.34 13.18 7.13
CA SER B 549 -32.84 13.59 8.43
C SER B 549 -31.39 13.20 8.64
N GLY B 550 -30.83 12.49 7.67
CA GLY B 550 -29.44 12.09 7.70
C GLY B 550 -28.52 13.27 7.48
N ALA B 551 -27.23 13.08 7.73
CA ALA B 551 -26.26 14.18 7.56
C ALA B 551 -24.96 13.73 6.92
N LEU B 552 -24.38 14.63 6.12
CA LEU B 552 -23.08 14.40 5.54
C LEU B 552 -22.14 15.47 6.04
N LEU B 553 -21.00 15.05 6.58
CA LEU B 553 -19.99 16.01 7.02
C LEU B 553 -18.93 16.09 5.93
N VAL B 554 -18.72 17.29 5.40
CA VAL B 554 -17.81 17.46 4.28
C VAL B 554 -16.56 18.21 4.73
N ARG B 555 -15.39 17.63 4.47
CA ARG B 555 -14.12 18.26 4.78
C ARG B 555 -13.88 19.51 3.94
N PRO B 556 -12.89 20.34 4.32
CA PRO B 556 -12.53 21.49 3.49
C PRO B 556 -12.11 21.06 2.09
N ASP B 557 -11.62 19.83 1.93
CA ASP B 557 -11.22 19.37 0.61
C ASP B 557 -12.33 18.66 -0.17
N MET B 558 -13.56 18.77 0.32
CA MET B 558 -14.79 18.25 -0.33
C MET B 558 -15.00 16.76 -0.18
N PHE B 559 -14.18 16.11 0.64
CA PHE B 559 -14.41 14.70 0.90
C PHE B 559 -15.38 14.53 2.06
N ILE B 560 -16.22 13.53 1.96
CA ILE B 560 -17.15 13.22 3.04
C ILE B 560 -16.35 12.46 4.10
N ALA B 561 -16.46 12.89 5.35
CA ALA B 561 -15.67 12.29 6.43
C ALA B 561 -16.55 11.62 7.47
N PHE B 562 -17.85 11.82 7.36
CA PHE B 562 -18.82 11.30 8.33
C PHE B 562 -20.20 11.26 7.67
N ARG B 563 -20.95 10.19 7.91
CA ARG B 563 -22.32 10.10 7.39
C ARG B 563 -23.23 9.49 8.43
N ALA B 564 -24.32 10.17 8.76
CA ALA B 564 -25.33 9.64 9.67
C ALA B 564 -26.59 9.37 8.87
N LYS B 565 -27.26 8.24 9.15
CA LYS B 565 -28.42 7.85 8.37
C LYS B 565 -29.68 8.61 8.76
N ASP B 566 -29.73 9.09 10.00
CA ASP B 566 -30.89 9.84 10.47
C ASP B 566 -30.50 10.84 11.55
N ALA B 567 -31.51 11.46 12.18
CA ALA B 567 -31.27 12.43 13.25
C ALA B 567 -31.66 11.87 14.63
N SER B 568 -31.57 10.55 14.80
CA SER B 568 -31.80 9.92 16.09
C SER B 568 -30.76 10.38 17.11
N ARG B 569 -31.00 10.07 18.38
CA ARG B 569 -30.06 10.42 19.44
C ARG B 569 -28.69 9.81 19.18
N GLU B 570 -28.68 8.54 18.83
CA GLU B 570 -27.44 7.82 18.58
C GLU B 570 -26.76 8.37 17.34
N GLY B 571 -27.56 8.74 16.34
CA GLY B 571 -27.04 9.44 15.19
C GLY B 571 -26.37 10.74 15.62
N LEU B 572 -27.13 11.60 16.30
CA LEU B 572 -26.67 12.91 16.70
C LEU B 572 -25.40 12.87 17.54
N GLU B 573 -25.37 11.99 18.55
CA GLU B 573 -24.24 11.93 19.47
C GLU B 573 -22.94 11.50 18.80
N GLN B 574 -23.05 10.79 17.67
CA GLN B 574 -21.85 10.30 17.00
C GLN B 574 -21.02 11.42 16.34
N LEU B 575 -21.64 12.56 16.08
CA LEU B 575 -20.96 13.66 15.39
C LEU B 575 -19.71 14.13 16.15
N ASN B 576 -19.87 14.42 17.42
CA ASN B 576 -18.74 14.83 18.26
C ASN B 576 -17.61 13.81 18.24
N VAL B 577 -17.97 12.54 18.34
CA VAL B 577 -17.01 11.44 18.31
C VAL B 577 -16.23 11.44 17.00
N ALA B 578 -16.94 11.62 15.88
CA ALA B 578 -16.32 11.59 14.57
C ALA B 578 -15.35 12.75 14.39
N VAL B 579 -15.79 13.96 14.74
CA VAL B 579 -14.98 15.15 14.59
C VAL B 579 -13.72 15.08 15.46
N LYS B 580 -13.88 14.67 16.71
CA LYS B 580 -12.72 14.47 17.58
C LYS B 580 -11.76 13.45 16.97
N SER B 581 -12.32 12.38 16.44
CA SER B 581 -11.50 11.34 15.80
C SER B 581 -10.75 11.87 14.58
N ILE B 582 -11.46 12.58 13.70
CA ILE B 582 -10.83 13.20 12.55
C ILE B 582 -9.70 14.15 12.98
N LEU B 583 -9.93 14.93 14.04
CA LEU B 583 -8.94 15.90 14.51
C LEU B 583 -7.82 15.28 15.35
N GLY B 584 -7.96 14.00 15.67
CA GLY B 584 -7.00 13.32 16.52
C GLY B 584 -7.04 13.74 17.98
N ARG B 585 -8.20 14.14 18.48
CA ARG B 585 -8.28 14.65 19.84
C ARG B 585 -9.13 13.81 20.82
#